data_1F1M
#
_entry.id   1F1M
#
_cell.length_a   66.323
_cell.length_b   46.252
_cell.length_c   111.784
_cell.angle_alpha   90.00
_cell.angle_beta   99.08
_cell.angle_gamma   90.00
#
_symmetry.space_group_name_H-M   'P 1 21 1'
#
loop_
_entity.id
_entity.type
_entity.pdbx_description
1 polymer 'OUTER SURFACE PROTEIN C'
2 non-polymer 'ZINC ION'
3 water water
#
_entity_poly.entity_id   1
_entity_poly.type   'polypeptide(L)'
_entity_poly.pdbx_seq_one_letter_code
;KGPNLTEISKKITESNAVVLAVKEVETLLTSIDELAKAIGKKIKSDVSLDNEADHNGSLMSGAYLISTLITKKISAIKDS
GELKAEIEKAKKCSEEFTAKLKGEHTDLGKEGVTDDNAKKAILKTNNDKTKGADELEKLFESVKNLSKAAKEMLTNSVKE
LTSP
;
_entity_poly.pdbx_strand_id   A,B,C,D
#
loop_
_chem_comp.id
_chem_comp.type
_chem_comp.name
_chem_comp.formula
ZN non-polymer 'ZINC ION' 'Zn 2'
#
# COMPACT_ATOMS: atom_id res chain seq x y z
N PRO A 3 -49.92 -0.65 -32.91
CA PRO A 3 -48.83 -1.14 -32.02
C PRO A 3 -48.62 -2.64 -32.18
N ASN A 4 -47.39 -3.03 -32.47
CA ASN A 4 -47.07 -4.44 -32.64
C ASN A 4 -47.15 -5.18 -31.31
N LEU A 5 -48.24 -5.92 -31.12
CA LEU A 5 -48.47 -6.67 -29.89
C LEU A 5 -47.37 -7.69 -29.60
N THR A 6 -46.71 -8.17 -30.64
CA THR A 6 -45.65 -9.16 -30.48
C THR A 6 -44.43 -8.57 -29.79
N GLU A 7 -43.98 -7.41 -30.26
CA GLU A 7 -42.81 -6.75 -29.68
C GLU A 7 -43.10 -6.23 -28.28
N ILE A 8 -44.32 -5.73 -28.06
CA ILE A 8 -44.69 -5.19 -26.76
C ILE A 8 -44.83 -6.28 -25.71
N SER A 9 -45.48 -7.38 -26.06
CA SER A 9 -45.65 -8.48 -25.12
C SER A 9 -44.28 -9.01 -24.70
N LYS A 10 -43.36 -9.08 -25.66
CA LYS A 10 -42.01 -9.55 -25.39
C LYS A 10 -41.30 -8.62 -24.42
N LYS A 11 -41.40 -7.32 -24.66
CA LYS A 11 -40.76 -6.35 -23.78
C LYS A 11 -41.35 -6.37 -22.39
N ILE A 12 -42.67 -6.54 -22.30
CA ILE A 12 -43.34 -6.59 -21.01
C ILE A 12 -42.82 -7.77 -20.20
N THR A 13 -42.77 -8.94 -20.83
CA THR A 13 -42.28 -10.16 -20.19
C THR A 13 -40.85 -9.96 -19.70
N GLU A 14 -40.00 -9.44 -20.57
CA GLU A 14 -38.60 -9.21 -20.23
C GLU A 14 -38.45 -8.17 -19.11
N SER A 15 -39.16 -7.06 -19.24
CA SER A 15 -39.10 -6.01 -18.24
C SER A 15 -39.60 -6.48 -16.87
N ASN A 16 -40.65 -7.29 -16.87
CA ASN A 16 -41.20 -7.80 -15.62
C ASN A 16 -40.22 -8.75 -14.93
N ALA A 17 -39.47 -9.50 -15.74
CA ALA A 17 -38.48 -10.42 -15.20
C ALA A 17 -37.38 -9.61 -14.51
N VAL A 18 -37.04 -8.47 -15.08
CA VAL A 18 -36.02 -7.60 -14.52
C VAL A 18 -36.49 -7.01 -13.19
N VAL A 19 -37.74 -6.54 -13.17
CA VAL A 19 -38.31 -5.96 -11.96
C VAL A 19 -38.35 -6.99 -10.82
N LEU A 20 -38.65 -8.23 -11.16
CA LEU A 20 -38.72 -9.31 -10.17
C LEU A 20 -37.33 -9.65 -9.65
N ALA A 21 -36.34 -9.58 -10.52
CA ALA A 21 -34.97 -9.86 -10.15
C ALA A 21 -34.45 -8.79 -9.19
N VAL A 22 -34.80 -7.53 -9.46
CA VAL A 22 -34.40 -6.42 -8.59
C VAL A 22 -35.15 -6.50 -7.26
N LYS A 23 -36.38 -7.00 -7.29
CA LYS A 23 -37.18 -7.13 -6.08
C LYS A 23 -36.53 -8.12 -5.10
N GLU A 24 -35.88 -9.14 -5.64
CA GLU A 24 -35.20 -10.14 -4.80
C GLU A 24 -34.08 -9.46 -4.05
N VAL A 25 -33.35 -8.60 -4.75
CA VAL A 25 -32.26 -7.86 -4.15
C VAL A 25 -32.80 -6.93 -3.09
N GLU A 26 -33.84 -6.18 -3.43
CA GLU A 26 -34.45 -5.24 -2.50
C GLU A 26 -34.97 -5.92 -1.23
N THR A 27 -35.57 -7.09 -1.40
CA THR A 27 -36.12 -7.82 -0.27
C THR A 27 -35.02 -8.38 0.61
N LEU A 28 -33.90 -8.78 0.01
CA LEU A 28 -32.80 -9.31 0.81
C LEU A 28 -32.25 -8.20 1.71
N LEU A 29 -32.27 -6.96 1.22
CA LEU A 29 -31.81 -5.83 2.02
C LEU A 29 -32.79 -5.64 3.17
N THR A 30 -34.07 -5.86 2.88
CA THR A 30 -35.12 -5.73 3.87
C THR A 30 -34.93 -6.77 4.97
N SER A 31 -34.48 -7.97 4.60
CA SER A 31 -34.29 -9.04 5.58
C SER A 31 -33.15 -8.69 6.55
N ILE A 32 -32.15 -7.96 6.07
CA ILE A 32 -31.04 -7.58 6.91
C ILE A 32 -31.54 -6.54 7.92
N ASP A 33 -32.42 -5.65 7.48
CA ASP A 33 -32.97 -4.63 8.37
C ASP A 33 -33.75 -5.29 9.50
N GLU A 34 -34.35 -6.44 9.19
CA GLU A 34 -35.12 -7.18 10.18
C GLU A 34 -34.15 -7.84 11.16
N LEU A 35 -33.02 -8.32 10.64
CA LEU A 35 -32.01 -8.95 11.48
C LEU A 35 -31.51 -7.93 12.50
N ALA A 36 -31.30 -6.71 12.03
CA ALA A 36 -30.80 -5.62 12.84
C ALA A 36 -31.69 -5.38 14.05
N LYS A 37 -32.99 -5.60 13.88
CA LYS A 37 -33.96 -5.42 14.98
C LYS A 37 -33.86 -6.55 16.00
N ALA A 38 -33.15 -7.62 15.65
CA ALA A 38 -32.98 -8.75 16.56
C ALA A 38 -31.71 -8.65 17.39
N ILE A 39 -30.92 -7.61 17.14
CA ILE A 39 -29.67 -7.41 17.88
C ILE A 39 -29.94 -7.29 19.38
N GLY A 40 -29.24 -8.10 20.16
CA GLY A 40 -29.39 -8.10 21.61
C GLY A 40 -30.72 -8.65 22.12
N LYS A 41 -31.36 -9.49 21.33
CA LYS A 41 -32.65 -10.05 21.71
C LYS A 41 -32.67 -11.58 21.70
N LYS A 42 -33.67 -12.14 22.37
CA LYS A 42 -33.86 -13.58 22.42
C LYS A 42 -35.35 -13.87 22.41
N ILE A 43 -35.72 -14.98 21.80
CA ILE A 43 -37.11 -15.37 21.72
C ILE A 43 -37.67 -15.84 23.05
N LYS A 44 -38.62 -15.11 23.59
CA LYS A 44 -39.24 -15.52 24.83
C LYS A 44 -40.56 -16.14 24.35
N SER A 45 -41.42 -16.45 25.31
CA SER A 45 -42.72 -17.04 25.01
C SER A 45 -43.76 -15.96 24.69
N ASP A 46 -43.37 -14.96 23.89
CA ASP A 46 -44.27 -13.86 23.55
C ASP A 46 -44.06 -13.30 22.13
N VAL A 47 -44.98 -12.45 21.68
CA VAL A 47 -44.84 -11.85 20.36
C VAL A 47 -43.55 -11.01 20.37
N SER A 48 -43.33 -10.32 21.48
CA SER A 48 -42.14 -9.49 21.64
C SER A 48 -40.93 -10.30 22.09
N LEU A 49 -39.74 -9.82 21.74
CA LEU A 49 -38.49 -10.49 22.10
C LEU A 49 -38.02 -10.05 23.47
N ASP A 50 -37.11 -10.81 24.07
CA ASP A 50 -36.56 -10.49 25.39
C ASP A 50 -35.14 -9.97 25.18
N ASN A 51 -34.49 -9.53 26.25
CA ASN A 51 -33.12 -9.02 26.13
C ASN A 51 -32.06 -10.07 26.43
N GLU A 52 -30.97 -9.98 25.67
CA GLU A 52 -29.82 -10.87 25.78
C GLU A 52 -28.73 -10.15 25.01
N ALA A 53 -28.02 -9.26 25.67
CA ALA A 53 -26.99 -8.46 25.01
C ALA A 53 -25.64 -9.09 24.73
N ASP A 54 -25.00 -8.57 23.70
CA ASP A 54 -23.66 -8.93 23.26
C ASP A 54 -23.33 -10.36 22.85
N HIS A 55 -24.27 -11.01 22.17
CA HIS A 55 -24.07 -12.38 21.66
C HIS A 55 -24.63 -12.41 20.25
N ASN A 56 -24.28 -11.38 19.49
CA ASN A 56 -24.79 -11.22 18.12
C ASN A 56 -23.93 -11.82 17.00
N GLY A 57 -22.99 -12.69 17.35
CA GLY A 57 -22.14 -13.29 16.34
C GLY A 57 -22.86 -14.11 15.28
N SER A 58 -23.71 -15.04 15.70
CA SER A 58 -24.44 -15.90 14.74
C SER A 58 -25.37 -15.06 13.87
N LEU A 59 -25.98 -14.05 14.47
CA LEU A 59 -26.88 -13.14 13.75
C LEU A 59 -26.06 -12.42 12.67
N MET A 60 -24.88 -11.92 13.05
CA MET A 60 -24.00 -11.22 12.11
C MET A 60 -23.51 -12.13 10.98
N SER A 61 -23.28 -13.39 11.32
CA SER A 61 -22.84 -14.36 10.32
C SER A 61 -23.96 -14.53 9.30
N GLY A 62 -25.19 -14.53 9.79
CA GLY A 62 -26.34 -14.65 8.91
C GLY A 62 -26.43 -13.47 7.95
N ALA A 63 -26.25 -12.28 8.50
CA ALA A 63 -26.29 -11.05 7.70
C ALA A 63 -25.19 -11.10 6.64
N TYR A 64 -24.02 -11.58 7.05
CA TYR A 64 -22.88 -11.71 6.13
C TYR A 64 -23.23 -12.62 4.94
N LEU A 65 -23.82 -13.78 5.22
CA LEU A 65 -24.17 -14.68 4.12
C LEU A 65 -25.20 -14.05 3.19
N ILE A 66 -26.13 -13.30 3.75
CA ILE A 66 -27.14 -12.64 2.92
C ILE A 66 -26.47 -11.58 2.05
N SER A 67 -25.42 -10.94 2.57
CA SER A 67 -24.72 -9.91 1.79
C SER A 67 -24.05 -10.55 0.58
N THR A 68 -23.53 -11.77 0.74
CA THR A 68 -22.90 -12.43 -0.38
C THR A 68 -23.97 -12.87 -1.39
N LEU A 69 -25.13 -13.28 -0.90
CA LEU A 69 -26.22 -13.69 -1.78
C LEU A 69 -26.69 -12.48 -2.60
N ILE A 70 -26.75 -11.32 -1.96
CA ILE A 70 -27.17 -10.09 -2.63
C ILE A 70 -26.34 -9.79 -3.87
N THR A 71 -25.02 -9.94 -3.77
CA THR A 71 -24.14 -9.68 -4.90
C THR A 71 -24.47 -10.64 -6.04
N LYS A 72 -24.66 -11.91 -5.68
CA LYS A 72 -24.99 -12.93 -6.65
C LYS A 72 -26.33 -12.66 -7.34
N LYS A 73 -27.29 -12.12 -6.61
CA LYS A 73 -28.59 -11.81 -7.19
C LYS A 73 -28.49 -10.60 -8.13
N ILE A 74 -27.65 -9.64 -7.77
CA ILE A 74 -27.48 -8.46 -8.62
C ILE A 74 -26.88 -8.88 -9.96
N SER A 75 -25.98 -9.85 -9.91
CA SER A 75 -25.35 -10.36 -11.14
C SER A 75 -26.31 -11.23 -11.94
N ALA A 76 -27.41 -11.63 -11.32
CA ALA A 76 -28.41 -12.47 -11.99
C ALA A 76 -29.39 -11.67 -12.83
N ILE A 77 -29.39 -10.36 -12.66
CA ILE A 77 -30.29 -9.49 -13.42
C ILE A 77 -29.89 -9.48 -14.90
N LYS A 78 -30.83 -9.80 -15.78
CA LYS A 78 -30.55 -9.82 -17.21
C LYS A 78 -30.22 -8.42 -17.71
N ASP A 79 -29.07 -8.30 -18.35
CA ASP A 79 -28.58 -7.02 -18.87
C ASP A 79 -29.16 -6.65 -20.23
N SER A 80 -28.87 -5.42 -20.64
CA SER A 80 -29.33 -4.90 -21.92
C SER A 80 -28.77 -3.48 -22.09
N GLY A 81 -27.85 -3.12 -21.21
CA GLY A 81 -27.23 -1.81 -21.26
C GLY A 81 -28.05 -0.71 -20.61
N GLU A 82 -29.35 -0.69 -20.88
CA GLU A 82 -30.24 0.34 -20.33
C GLU A 82 -30.15 0.51 -18.81
N LEU A 83 -29.75 -0.56 -18.10
CA LEU A 83 -29.62 -0.49 -16.65
C LEU A 83 -28.19 -0.76 -16.21
N LYS A 84 -27.29 -0.83 -17.18
CA LYS A 84 -25.88 -1.10 -16.90
C LYS A 84 -25.29 -0.25 -15.78
N ALA A 85 -25.48 1.06 -15.86
CA ALA A 85 -24.98 1.98 -14.85
C ALA A 85 -25.51 1.67 -13.46
N GLU A 86 -26.82 1.50 -13.34
CA GLU A 86 -27.46 1.21 -12.06
C GLU A 86 -27.02 -0.13 -11.49
N ILE A 87 -26.97 -1.14 -12.34
CA ILE A 87 -26.56 -2.48 -11.91
C ILE A 87 -25.12 -2.50 -11.40
N GLU A 88 -24.22 -1.83 -12.12
CA GLU A 88 -22.82 -1.80 -11.74
C GLU A 88 -22.60 -1.09 -10.40
N LYS A 89 -23.33 0.00 -10.18
CA LYS A 89 -23.22 0.75 -8.94
C LYS A 89 -23.70 -0.10 -7.76
N ALA A 90 -24.84 -0.74 -7.93
CA ALA A 90 -25.39 -1.59 -6.88
C ALA A 90 -24.42 -2.73 -6.56
N LYS A 91 -23.86 -3.35 -7.61
CA LYS A 91 -22.95 -4.45 -7.41
C LYS A 91 -21.68 -4.07 -6.64
N LYS A 92 -21.03 -2.99 -7.04
CA LYS A 92 -19.81 -2.57 -6.34
C LYS A 92 -20.11 -2.22 -4.90
N CYS A 93 -21.24 -1.58 -4.65
CA CYS A 93 -21.58 -1.24 -3.28
C CYS A 93 -21.89 -2.48 -2.45
N SER A 94 -22.47 -3.50 -3.09
CA SER A 94 -22.78 -4.74 -2.38
C SER A 94 -21.47 -5.43 -2.01
N GLU A 95 -20.49 -5.35 -2.91
CA GLU A 95 -19.19 -5.96 -2.67
C GLU A 95 -18.44 -5.19 -1.57
N GLU A 96 -18.62 -3.87 -1.53
CA GLU A 96 -17.97 -3.05 -0.51
C GLU A 96 -18.52 -3.39 0.87
N PHE A 97 -19.84 -3.59 0.94
CA PHE A 97 -20.50 -3.93 2.21
C PHE A 97 -19.95 -5.26 2.74
N THR A 98 -19.91 -6.28 1.90
CA THR A 98 -19.39 -7.57 2.31
C THR A 98 -17.93 -7.46 2.75
N ALA A 99 -17.15 -6.70 2.00
CA ALA A 99 -15.74 -6.51 2.31
C ALA A 99 -15.56 -5.81 3.64
N LYS A 100 -16.46 -4.88 3.96
CA LYS A 100 -16.37 -4.16 5.23
C LYS A 100 -16.66 -5.10 6.39
N LEU A 101 -17.68 -5.94 6.25
CA LEU A 101 -18.03 -6.88 7.30
C LEU A 101 -16.85 -7.84 7.55
N LYS A 102 -16.22 -8.30 6.47
CA LYS A 102 -15.09 -9.21 6.61
C LYS A 102 -13.94 -8.54 7.34
N GLY A 103 -13.63 -7.31 6.92
CA GLY A 103 -12.54 -6.56 7.53
C GLY A 103 -12.71 -6.25 9.00
N GLU A 104 -13.94 -6.33 9.50
CA GLU A 104 -14.23 -6.04 10.90
C GLU A 104 -14.48 -7.30 11.71
N HIS A 105 -13.97 -8.42 11.23
CA HIS A 105 -14.18 -9.70 11.90
C HIS A 105 -13.61 -9.76 13.31
N THR A 106 -12.71 -8.84 13.66
CA THR A 106 -12.15 -8.83 15.00
C THR A 106 -13.28 -8.60 16.01
N ASP A 107 -14.20 -7.71 15.66
CA ASP A 107 -15.34 -7.39 16.52
C ASP A 107 -16.63 -8.06 16.08
N LEU A 108 -16.68 -8.51 14.84
CA LEU A 108 -17.90 -9.16 14.33
C LEU A 108 -17.75 -10.67 14.16
N GLY A 109 -16.52 -11.18 14.20
CA GLY A 109 -16.30 -12.60 14.01
C GLY A 109 -16.05 -13.44 15.26
N LYS A 110 -17.09 -13.57 16.07
CA LYS A 110 -17.03 -14.36 17.31
C LYS A 110 -18.47 -14.38 17.81
N GLU A 111 -18.77 -15.25 18.76
CA GLU A 111 -20.13 -15.33 19.26
C GLU A 111 -20.50 -14.10 20.09
N GLY A 112 -19.54 -13.57 20.84
CA GLY A 112 -19.79 -12.42 21.69
C GLY A 112 -19.76 -11.03 21.05
N VAL A 113 -20.38 -10.88 19.89
CA VAL A 113 -20.43 -9.57 19.24
C VAL A 113 -21.34 -8.66 20.07
N THR A 114 -20.81 -7.52 20.51
CA THR A 114 -21.59 -6.59 21.33
C THR A 114 -22.72 -5.94 20.54
N ASP A 115 -23.78 -5.58 21.24
CA ASP A 115 -24.92 -4.93 20.59
C ASP A 115 -24.43 -3.69 19.83
N ASP A 116 -23.57 -2.91 20.46
CA ASP A 116 -23.05 -1.70 19.83
C ASP A 116 -22.29 -1.92 18.52
N ASN A 117 -21.41 -2.93 18.48
CA ASN A 117 -20.65 -3.20 17.26
C ASN A 117 -21.55 -3.79 16.17
N ALA A 118 -22.53 -4.58 16.57
CA ALA A 118 -23.46 -5.18 15.62
C ALA A 118 -24.25 -4.08 14.94
N LYS A 119 -24.59 -3.02 15.68
CA LYS A 119 -25.33 -1.90 15.13
C LYS A 119 -24.51 -1.08 14.15
N LYS A 120 -23.21 -0.96 14.41
CA LYS A 120 -22.33 -0.21 13.52
C LYS A 120 -22.16 -0.96 12.21
N ALA A 121 -22.55 -2.23 12.19
CA ALA A 121 -22.41 -3.05 11.00
C ALA A 121 -23.67 -3.19 10.16
N ILE A 122 -24.83 -3.38 10.80
CA ILE A 122 -26.06 -3.56 10.02
C ILE A 122 -27.27 -2.68 10.36
N LEU A 123 -27.12 -1.74 11.28
CA LEU A 123 -28.23 -0.84 11.63
C LEU A 123 -28.05 0.52 10.94
N LYS A 124 -28.72 0.70 9.80
CA LYS A 124 -28.60 1.93 9.02
C LYS A 124 -28.94 3.23 9.75
N THR A 125 -29.76 3.16 10.79
CA THR A 125 -30.14 4.36 11.53
C THR A 125 -29.22 4.63 12.72
N ASN A 126 -28.14 3.87 12.82
CA ASN A 126 -27.18 4.05 13.90
C ASN A 126 -26.35 5.29 13.62
N ASN A 127 -25.88 5.97 14.67
CA ASN A 127 -25.05 7.15 14.49
C ASN A 127 -23.66 6.76 14.03
N ASP A 128 -23.12 5.70 14.65
CA ASP A 128 -21.80 5.19 14.28
C ASP A 128 -22.02 4.06 13.28
N LYS A 129 -21.66 4.29 12.02
CA LYS A 129 -21.84 3.30 10.96
C LYS A 129 -20.49 2.87 10.38
N THR A 130 -19.49 2.77 11.25
CA THR A 130 -18.13 2.44 10.82
C THR A 130 -17.75 0.98 10.65
N LYS A 131 -18.68 0.05 10.84
CA LYS A 131 -18.35 -1.36 10.68
C LYS A 131 -19.20 -2.06 9.63
N GLY A 132 -19.71 -1.29 8.67
CA GLY A 132 -20.52 -1.85 7.61
C GLY A 132 -21.84 -1.14 7.36
N ALA A 133 -22.39 -0.52 8.40
CA ALA A 133 -23.67 0.17 8.27
C ALA A 133 -23.64 1.27 7.22
N ASP A 134 -22.49 1.93 7.08
CA ASP A 134 -22.33 3.00 6.11
C ASP A 134 -22.48 2.44 4.69
N GLU A 135 -21.84 1.30 4.43
CA GLU A 135 -21.91 0.66 3.13
C GLU A 135 -23.33 0.15 2.87
N LEU A 136 -23.96 -0.38 3.91
CA LEU A 136 -25.32 -0.91 3.79
C LEU A 136 -26.29 0.19 3.39
N GLU A 137 -26.13 1.37 4.00
CA GLU A 137 -26.98 2.51 3.71
C GLU A 137 -26.85 2.92 2.25
N LYS A 138 -25.61 3.00 1.77
CA LYS A 138 -25.35 3.37 0.39
C LYS A 138 -25.89 2.31 -0.56
N LEU A 139 -25.73 1.05 -0.17
CA LEU A 139 -26.22 -0.07 -0.98
C LEU A 139 -27.75 0.05 -1.10
N PHE A 140 -28.38 0.51 -0.03
CA PHE A 140 -29.84 0.66 -0.04
C PHE A 140 -30.25 1.69 -1.10
N GLU A 141 -29.53 2.80 -1.15
CA GLU A 141 -29.83 3.86 -2.11
C GLU A 141 -29.60 3.40 -3.56
N SER A 142 -28.50 2.69 -3.80
CA SER A 142 -28.19 2.21 -5.15
C SER A 142 -29.23 1.23 -5.66
N VAL A 143 -29.72 0.36 -4.78
CA VAL A 143 -30.73 -0.59 -5.19
C VAL A 143 -32.04 0.16 -5.38
N LYS A 144 -32.25 1.18 -4.56
CA LYS A 144 -33.47 1.98 -4.67
C LYS A 144 -33.52 2.68 -6.03
N ASN A 145 -32.38 3.19 -6.48
CA ASN A 145 -32.32 3.86 -7.78
C ASN A 145 -32.48 2.85 -8.91
N LEU A 146 -31.95 1.65 -8.69
CA LEU A 146 -32.05 0.59 -9.68
C LEU A 146 -33.50 0.16 -9.86
N SER A 147 -34.22 0.04 -8.73
CA SER A 147 -35.63 -0.36 -8.72
C SER A 147 -36.52 0.63 -9.47
N LYS A 148 -36.27 1.92 -9.26
CA LYS A 148 -37.04 2.96 -9.92
C LYS A 148 -36.86 2.88 -11.44
N ALA A 149 -35.62 2.74 -11.88
CA ALA A 149 -35.33 2.64 -13.31
C ALA A 149 -35.97 1.39 -13.91
N ALA A 150 -35.88 0.28 -13.19
CA ALA A 150 -36.46 -0.97 -13.64
C ALA A 150 -37.98 -0.86 -13.75
N LYS A 151 -38.62 -0.34 -12.71
CA LYS A 151 -40.08 -0.19 -12.72
C LYS A 151 -40.49 0.77 -13.83
N GLU A 152 -39.63 1.74 -14.10
CA GLU A 152 -39.88 2.74 -15.14
C GLU A 152 -39.98 2.07 -16.50
N MET A 153 -39.07 1.14 -16.78
CA MET A 153 -39.07 0.42 -18.05
C MET A 153 -40.31 -0.44 -18.19
N LEU A 154 -40.75 -1.03 -17.08
CA LEU A 154 -41.93 -1.88 -17.10
C LEU A 154 -43.19 -1.08 -17.38
N THR A 155 -43.42 -0.04 -16.58
CA THR A 155 -44.58 0.81 -16.75
C THR A 155 -44.64 1.40 -18.16
N ASN A 156 -43.50 1.84 -18.69
CA ASN A 156 -43.47 2.41 -20.03
C ASN A 156 -43.80 1.37 -21.09
N SER A 157 -43.42 0.13 -20.86
CA SER A 157 -43.68 -0.95 -21.79
C SER A 157 -45.19 -1.26 -21.83
N VAL A 158 -45.82 -1.20 -20.66
CA VAL A 158 -47.25 -1.49 -20.58
C VAL A 158 -48.10 -0.39 -21.20
N LYS A 159 -47.82 0.87 -20.87
CA LYS A 159 -48.61 1.98 -21.40
C LYS A 159 -48.56 2.07 -22.94
N GLU A 160 -47.63 1.33 -23.55
CA GLU A 160 -47.52 1.32 -25.01
C GLU A 160 -48.73 0.66 -25.64
N LEU A 161 -49.46 -0.12 -24.84
CA LEU A 161 -50.65 -0.82 -25.32
C LEU A 161 -51.81 0.13 -25.57
N THR A 162 -51.98 1.10 -24.68
CA THR A 162 -53.07 2.06 -24.81
C THR A 162 -52.63 3.38 -25.42
N SER A 163 -51.34 3.68 -25.36
CA SER A 163 -50.82 4.92 -25.91
C SER A 163 -51.22 5.06 -27.38
N PRO A 164 -51.48 6.30 -27.85
CA PRO A 164 -51.46 7.56 -27.09
C PRO A 164 -52.35 7.62 -25.85
N PRO B 3 -60.08 -7.60 -28.51
CA PRO B 3 -59.03 -7.51 -27.46
C PRO B 3 -59.01 -6.11 -26.87
N ASN B 4 -59.76 -5.92 -25.79
CA ASN B 4 -59.82 -4.62 -25.13
C ASN B 4 -58.47 -4.33 -24.48
N LEU B 5 -57.55 -3.75 -25.26
CA LEU B 5 -56.22 -3.42 -24.79
C LEU B 5 -56.21 -2.63 -23.48
N THR B 6 -57.25 -1.83 -23.26
CA THR B 6 -57.32 -1.05 -22.03
C THR B 6 -57.72 -1.97 -20.88
N GLU B 7 -58.46 -3.03 -21.21
CA GLU B 7 -58.91 -4.00 -20.23
C GLU B 7 -57.78 -4.99 -19.93
N ILE B 8 -57.00 -5.31 -20.95
CA ILE B 8 -55.89 -6.24 -20.80
C ILE B 8 -54.72 -5.56 -20.08
N SER B 9 -54.52 -4.27 -20.38
CA SER B 9 -53.43 -3.52 -19.76
C SER B 9 -53.64 -3.36 -18.26
N LYS B 10 -54.87 -3.04 -17.85
CA LYS B 10 -55.15 -2.87 -16.43
C LYS B 10 -54.97 -4.20 -15.72
N LYS B 11 -55.27 -5.28 -16.43
CA LYS B 11 -55.14 -6.63 -15.88
C LYS B 11 -53.67 -7.00 -15.71
N ILE B 12 -52.86 -6.63 -16.69
CA ILE B 12 -51.43 -6.91 -16.64
C ILE B 12 -50.80 -6.11 -15.50
N THR B 13 -51.24 -4.87 -15.34
CA THR B 13 -50.73 -4.02 -14.28
C THR B 13 -51.04 -4.62 -12.91
N GLU B 14 -52.28 -5.03 -12.72
CA GLU B 14 -52.72 -5.64 -11.46
C GLU B 14 -51.95 -6.92 -11.17
N SER B 15 -51.82 -7.77 -12.18
CA SER B 15 -51.12 -9.04 -12.02
C SER B 15 -49.65 -8.83 -11.69
N ASN B 16 -49.02 -7.85 -12.33
CA ASN B 16 -47.62 -7.56 -12.08
C ASN B 16 -47.44 -7.17 -10.61
N ALA B 17 -48.45 -6.51 -10.06
CA ALA B 17 -48.40 -6.08 -8.66
C ALA B 17 -48.51 -7.26 -7.72
N VAL B 18 -49.23 -8.30 -8.13
CA VAL B 18 -49.38 -9.49 -7.30
C VAL B 18 -48.11 -10.33 -7.32
N VAL B 19 -47.56 -10.54 -8.51
CA VAL B 19 -46.33 -11.32 -8.63
C VAL B 19 -45.18 -10.68 -7.85
N LEU B 20 -45.15 -9.35 -7.85
CA LEU B 20 -44.10 -8.61 -7.13
C LEU B 20 -44.26 -8.81 -5.62
N ALA B 21 -45.50 -8.75 -5.15
CA ALA B 21 -45.81 -8.91 -3.73
C ALA B 21 -45.44 -10.33 -3.28
N VAL B 22 -45.76 -11.32 -4.12
CA VAL B 22 -45.45 -12.70 -3.79
C VAL B 22 -43.94 -12.95 -3.83
N LYS B 23 -43.26 -12.28 -4.76
CA LYS B 23 -41.81 -12.42 -4.88
C LYS B 23 -41.12 -11.98 -3.60
N GLU B 24 -41.69 -10.96 -2.95
CA GLU B 24 -41.14 -10.44 -1.71
C GLU B 24 -41.22 -11.51 -0.62
N VAL B 25 -42.37 -12.17 -0.52
CA VAL B 25 -42.56 -13.22 0.47
C VAL B 25 -41.59 -14.39 0.19
N GLU B 26 -41.52 -14.79 -1.08
CA GLU B 26 -40.64 -15.87 -1.50
C GLU B 26 -39.18 -15.59 -1.14
N THR B 27 -38.76 -14.35 -1.32
CA THR B 27 -37.38 -13.95 -1.03
C THR B 27 -37.08 -13.94 0.47
N LEU B 28 -38.08 -13.61 1.28
CA LEU B 28 -37.87 -13.60 2.73
C LEU B 28 -37.61 -15.04 3.17
N LEU B 29 -38.27 -15.99 2.53
CA LEU B 29 -38.05 -17.40 2.85
C LEU B 29 -36.63 -17.80 2.46
N THR B 30 -36.18 -17.29 1.32
CA THR B 30 -34.83 -17.56 0.85
C THR B 30 -33.82 -17.03 1.86
N SER B 31 -34.13 -15.88 2.46
CA SER B 31 -33.25 -15.28 3.45
C SER B 31 -33.16 -16.15 4.70
N ILE B 32 -34.23 -16.84 5.06
CA ILE B 32 -34.16 -17.71 6.24
C ILE B 32 -33.29 -18.91 5.91
N ASP B 33 -33.39 -19.43 4.68
CA ASP B 33 -32.57 -20.56 4.28
C ASP B 33 -31.11 -20.16 4.29
N GLU B 34 -30.85 -18.88 4.03
CA GLU B 34 -29.48 -18.40 4.03
C GLU B 34 -29.01 -18.31 5.48
N LEU B 35 -29.91 -17.95 6.40
CA LEU B 35 -29.57 -17.87 7.82
C LEU B 35 -29.22 -19.27 8.34
N ALA B 36 -29.94 -20.28 7.87
CA ALA B 36 -29.69 -21.65 8.30
C ALA B 36 -28.22 -22.05 8.04
N LYS B 37 -27.66 -21.51 6.96
CA LYS B 37 -26.28 -21.80 6.59
C LYS B 37 -25.24 -21.16 7.52
N ALA B 38 -25.69 -20.24 8.35
CA ALA B 38 -24.80 -19.58 9.30
C ALA B 38 -24.84 -20.25 10.68
N ILE B 39 -25.59 -21.34 10.81
CA ILE B 39 -25.66 -22.04 12.10
C ILE B 39 -24.29 -22.61 12.49
N GLY B 40 -23.86 -22.26 13.71
CA GLY B 40 -22.56 -22.72 14.20
C GLY B 40 -21.36 -22.15 13.48
N LYS B 41 -21.53 -20.96 12.89
CA LYS B 41 -20.47 -20.32 12.13
C LYS B 41 -20.18 -18.91 12.60
N LYS B 42 -18.98 -18.43 12.28
CA LYS B 42 -18.57 -17.09 12.64
C LYS B 42 -17.77 -16.48 11.50
N ILE B 43 -17.79 -15.16 11.41
CA ILE B 43 -17.09 -14.45 10.36
C ILE B 43 -15.57 -14.43 10.58
N LYS B 44 -14.83 -14.55 9.49
CA LYS B 44 -13.38 -14.47 9.51
C LYS B 44 -12.98 -13.70 8.25
N SER B 45 -11.70 -13.42 8.07
CA SER B 45 -11.26 -12.68 6.90
C SER B 45 -11.15 -13.59 5.69
N ASP B 46 -12.30 -14.11 5.25
CA ASP B 46 -12.35 -15.01 4.11
C ASP B 46 -13.79 -15.12 3.61
N VAL B 47 -13.95 -15.71 2.44
CA VAL B 47 -15.27 -15.89 1.84
C VAL B 47 -16.10 -16.87 2.67
N SER B 48 -15.43 -17.91 3.16
CA SER B 48 -16.07 -18.92 3.97
C SER B 48 -16.03 -18.62 5.47
N LEU B 49 -17.12 -18.96 6.14
CA LEU B 49 -17.24 -18.75 7.57
C LEU B 49 -16.39 -19.78 8.32
N ASP B 50 -16.08 -19.49 9.58
CA ASP B 50 -15.30 -20.39 10.41
C ASP B 50 -16.27 -21.05 11.39
N ASN B 51 -15.82 -22.05 12.14
CA ASN B 51 -16.71 -22.70 13.10
C ASN B 51 -16.77 -21.98 14.45
N GLU B 52 -17.97 -21.97 15.03
CA GLU B 52 -18.25 -21.36 16.32
C GLU B 52 -19.56 -22.01 16.74
N ALA B 53 -19.46 -23.21 17.29
CA ALA B 53 -20.64 -23.98 17.67
C ALA B 53 -21.44 -23.58 18.91
N ASP B 54 -22.73 -23.86 18.83
CA ASP B 54 -23.70 -23.66 19.90
C ASP B 54 -23.92 -22.27 20.50
N HIS B 55 -23.98 -21.25 19.63
CA HIS B 55 -24.26 -19.87 20.05
C HIS B 55 -25.16 -19.24 18.99
N ASN B 56 -26.20 -19.97 18.60
CA ASN B 56 -27.11 -19.52 17.55
C ASN B 56 -28.33 -18.74 17.99
N GLY B 57 -28.36 -18.32 19.26
CA GLY B 57 -29.48 -17.57 19.77
C GLY B 57 -29.88 -16.33 18.98
N SER B 58 -28.92 -15.44 18.74
CA SER B 58 -29.20 -14.20 18.00
C SER B 58 -29.69 -14.50 16.58
N LEU B 59 -29.13 -15.55 15.98
CA LEU B 59 -29.52 -15.95 14.63
C LEU B 59 -30.99 -16.37 14.61
N MET B 60 -31.40 -17.15 15.61
CA MET B 60 -32.78 -17.62 15.72
C MET B 60 -33.75 -16.46 15.91
N SER B 61 -33.34 -15.46 16.68
CA SER B 61 -34.19 -14.30 16.91
C SER B 61 -34.38 -13.56 15.58
N GLY B 62 -33.33 -13.52 14.78
CA GLY B 62 -33.42 -12.86 13.48
C GLY B 62 -34.41 -13.59 12.60
N ALA B 63 -34.32 -14.93 12.59
CA ALA B 63 -35.22 -15.76 11.79
C ALA B 63 -36.65 -15.56 12.25
N TYR B 64 -36.82 -15.42 13.56
CA TYR B 64 -38.13 -15.21 14.16
C TYR B 64 -38.78 -13.92 13.65
N LEU B 65 -38.02 -12.82 13.68
CA LEU B 65 -38.55 -11.55 13.22
C LEU B 65 -38.91 -11.60 11.75
N ILE B 66 -38.14 -12.35 10.96
CA ILE B 66 -38.43 -12.47 9.54
C ILE B 66 -39.71 -13.29 9.36
N SER B 67 -39.93 -14.28 10.23
CA SER B 67 -41.12 -15.10 10.12
C SER B 67 -42.37 -14.25 10.35
N THR B 68 -42.30 -13.29 11.28
CA THR B 68 -43.45 -12.43 11.53
C THR B 68 -43.64 -11.45 10.36
N LEU B 69 -42.54 -11.04 9.74
CA LEU B 69 -42.62 -10.13 8.61
C LEU B 69 -43.29 -10.85 7.43
N ILE B 70 -42.96 -12.13 7.26
CA ILE B 70 -43.55 -12.94 6.19
C ILE B 70 -45.07 -12.97 6.32
N THR B 71 -45.56 -13.16 7.53
CA THR B 71 -47.01 -13.21 7.75
C THR B 71 -47.65 -11.86 7.41
N LYS B 72 -46.96 -10.77 7.76
CA LYS B 72 -47.46 -9.44 7.47
C LYS B 72 -47.51 -9.19 5.97
N LYS B 73 -46.48 -9.63 5.25
CA LYS B 73 -46.43 -9.45 3.81
C LYS B 73 -47.55 -10.25 3.12
N ILE B 74 -47.73 -11.49 3.54
CA ILE B 74 -48.78 -12.32 2.96
C ILE B 74 -50.14 -11.66 3.16
N SER B 75 -50.38 -11.17 4.37
CA SER B 75 -51.65 -10.53 4.70
C SER B 75 -51.93 -9.24 3.94
N ALA B 76 -50.89 -8.63 3.37
CA ALA B 76 -51.04 -7.39 2.62
C ALA B 76 -51.22 -7.59 1.12
N ILE B 77 -51.08 -8.82 0.64
CA ILE B 77 -51.23 -9.11 -0.78
C ILE B 77 -52.66 -8.83 -1.26
N LYS B 78 -52.78 -8.22 -2.43
CA LYS B 78 -54.08 -7.89 -3.00
C LYS B 78 -54.67 -9.07 -3.77
N ASP B 79 -55.89 -9.45 -3.42
CA ASP B 79 -56.56 -10.55 -4.09
C ASP B 79 -58.07 -10.37 -4.18
N SER B 80 -58.62 -10.67 -5.35
CA SER B 80 -60.06 -10.54 -5.57
C SER B 80 -60.74 -11.89 -5.40
N GLY B 81 -59.94 -12.93 -5.22
CA GLY B 81 -60.50 -14.26 -5.03
C GLY B 81 -59.83 -15.32 -5.90
N GLU B 82 -59.08 -14.88 -6.90
CA GLU B 82 -58.40 -15.81 -7.80
C GLU B 82 -57.34 -16.61 -7.05
N LEU B 83 -56.62 -15.94 -6.16
CA LEU B 83 -55.56 -16.58 -5.37
C LEU B 83 -56.01 -16.75 -3.93
N LYS B 84 -57.31 -16.62 -3.71
CA LYS B 84 -57.94 -16.74 -2.39
C LYS B 84 -57.38 -17.92 -1.58
N ALA B 85 -57.49 -19.12 -2.13
CA ALA B 85 -57.03 -20.34 -1.48
C ALA B 85 -55.53 -20.33 -1.19
N GLU B 86 -54.74 -20.03 -2.21
CA GLU B 86 -53.29 -20.00 -2.09
C GLU B 86 -52.80 -19.09 -0.97
N ILE B 87 -53.35 -17.88 -0.91
CA ILE B 87 -52.96 -16.92 0.10
C ILE B 87 -53.31 -17.37 1.52
N GLU B 88 -54.51 -17.89 1.70
CA GLU B 88 -54.95 -18.37 3.02
C GLU B 88 -54.05 -19.46 3.56
N LYS B 89 -53.72 -20.43 2.71
CA LYS B 89 -52.87 -21.54 3.11
C LYS B 89 -51.50 -21.02 3.53
N ALA B 90 -50.93 -20.16 2.69
CA ALA B 90 -49.63 -19.60 2.97
C ALA B 90 -49.65 -18.83 4.30
N LYS B 91 -50.67 -18.02 4.50
CA LYS B 91 -50.79 -17.24 5.72
C LYS B 91 -50.90 -18.12 6.96
N LYS B 92 -51.66 -19.20 6.87
CA LYS B 92 -51.83 -20.11 8.01
C LYS B 92 -50.53 -20.83 8.34
N CYS B 93 -49.85 -21.33 7.32
CA CYS B 93 -48.58 -22.01 7.53
C CYS B 93 -47.54 -21.04 8.09
N SER B 94 -47.60 -19.78 7.67
CA SER B 94 -46.64 -18.80 8.18
C SER B 94 -46.89 -18.58 9.67
N GLU B 95 -48.16 -18.59 10.06
CA GLU B 95 -48.51 -18.40 11.47
C GLU B 95 -48.08 -19.61 12.29
N GLU B 96 -48.21 -20.80 11.71
CA GLU B 96 -47.82 -22.02 12.41
C GLU B 96 -46.32 -22.12 12.64
N PHE B 97 -45.55 -21.60 11.69
CA PHE B 97 -44.10 -21.61 11.82
C PHE B 97 -43.67 -20.70 12.97
N THR B 98 -44.20 -19.48 12.97
CA THR B 98 -43.87 -18.53 14.03
C THR B 98 -44.27 -19.08 15.40
N ALA B 99 -45.46 -19.68 15.47
CA ALA B 99 -45.96 -20.24 16.73
C ALA B 99 -45.07 -21.38 17.24
N LYS B 100 -44.59 -22.22 16.34
CA LYS B 100 -43.72 -23.34 16.73
C LYS B 100 -42.43 -22.82 17.36
N LEU B 101 -41.83 -21.80 16.75
CA LEU B 101 -40.60 -21.23 17.29
C LEU B 101 -40.84 -20.65 18.69
N LYS B 102 -41.99 -20.01 18.89
CA LYS B 102 -42.32 -19.43 20.19
C LYS B 102 -42.47 -20.54 21.23
N GLY B 103 -43.08 -21.65 20.82
CA GLY B 103 -43.28 -22.78 21.72
C GLY B 103 -41.98 -23.42 22.17
N GLU B 104 -40.92 -23.24 21.40
CA GLU B 104 -39.62 -23.80 21.72
C GLU B 104 -38.67 -22.76 22.33
N HIS B 105 -39.25 -21.70 22.90
CA HIS B 105 -38.45 -20.64 23.49
C HIS B 105 -37.43 -21.11 24.54
N THR B 106 -37.71 -22.24 25.19
CA THR B 106 -36.78 -22.74 26.20
C THR B 106 -35.46 -23.17 25.57
N ASP B 107 -35.53 -23.88 24.45
CA ASP B 107 -34.32 -24.35 23.76
C ASP B 107 -33.80 -23.34 22.75
N LEU B 108 -34.68 -22.48 22.25
CA LEU B 108 -34.30 -21.50 21.23
C LEU B 108 -34.16 -20.07 21.75
N GLY B 109 -34.69 -19.80 22.94
CA GLY B 109 -34.61 -18.44 23.48
C GLY B 109 -33.49 -18.18 24.47
N LYS B 110 -32.26 -18.21 23.98
CA LYS B 110 -31.07 -17.98 24.78
C LYS B 110 -29.92 -17.84 23.80
N GLU B 111 -28.79 -17.27 24.24
CA GLU B 111 -27.68 -17.09 23.32
C GLU B 111 -27.01 -18.42 22.96
N GLY B 112 -27.01 -19.36 23.90
CA GLY B 112 -26.38 -20.65 23.65
C GLY B 112 -27.21 -21.72 22.97
N VAL B 113 -27.93 -21.36 21.90
CA VAL B 113 -28.73 -22.32 21.15
C VAL B 113 -27.76 -23.24 20.44
N THR B 114 -27.90 -24.55 20.63
CA THR B 114 -26.99 -25.51 20.00
C THR B 114 -27.22 -25.60 18.49
N ASP B 115 -26.16 -25.97 17.77
CA ASP B 115 -26.28 -26.09 16.31
C ASP B 115 -27.35 -27.12 15.99
N ASP B 116 -27.42 -28.16 16.82
CA ASP B 116 -28.40 -29.22 16.63
C ASP B 116 -29.83 -28.73 16.74
N ASN B 117 -30.12 -27.92 17.76
CA ASN B 117 -31.47 -27.43 17.92
C ASN B 117 -31.79 -26.33 16.90
N ALA B 118 -30.79 -25.54 16.52
CA ALA B 118 -31.00 -24.48 15.54
C ALA B 118 -31.45 -25.10 14.21
N LYS B 119 -30.85 -26.23 13.86
CA LYS B 119 -31.19 -26.91 12.61
C LYS B 119 -32.58 -27.52 12.66
N LYS B 120 -33.03 -27.92 13.84
CA LYS B 120 -34.37 -28.50 13.99
C LYS B 120 -35.42 -27.42 13.80
N ALA B 121 -34.99 -26.17 13.97
CA ALA B 121 -35.87 -25.02 13.85
C ALA B 121 -35.92 -24.39 12.45
N ILE B 122 -34.77 -24.18 11.82
CA ILE B 122 -34.76 -23.53 10.51
C ILE B 122 -34.05 -24.18 9.33
N LEU B 123 -33.64 -25.44 9.45
CA LEU B 123 -32.99 -26.13 8.32
C LEU B 123 -34.00 -27.14 7.76
N LYS B 124 -34.73 -26.72 6.74
CA LYS B 124 -35.78 -27.55 6.15
C LYS B 124 -35.35 -28.92 5.62
N THR B 125 -34.05 -29.14 5.47
CA THR B 125 -33.56 -30.43 4.98
C THR B 125 -33.00 -31.29 6.11
N ASN B 126 -33.07 -30.80 7.34
CA ASN B 126 -32.54 -31.53 8.49
C ASN B 126 -33.34 -32.83 8.71
N ASN B 127 -32.68 -33.85 9.24
CA ASN B 127 -33.35 -35.12 9.51
C ASN B 127 -34.42 -34.93 10.58
N ASP B 128 -34.09 -34.15 11.61
CA ASP B 128 -35.01 -33.87 12.71
C ASP B 128 -35.53 -32.44 12.47
N LYS B 129 -36.84 -32.31 12.28
CA LYS B 129 -37.45 -31.00 12.00
C LYS B 129 -38.48 -30.62 13.06
N THR B 130 -38.32 -31.18 14.26
CA THR B 130 -39.25 -30.98 15.35
C THR B 130 -39.28 -29.65 16.12
N LYS B 131 -38.48 -28.67 15.74
CA LYS B 131 -38.51 -27.40 16.44
C LYS B 131 -38.88 -26.22 15.54
N GLY B 132 -39.50 -26.51 14.41
CA GLY B 132 -39.90 -25.46 13.49
C GLY B 132 -39.58 -25.70 12.04
N ALA B 133 -38.57 -26.53 11.76
CA ALA B 133 -38.17 -26.79 10.38
C ALA B 133 -39.27 -27.51 9.58
N ASP B 134 -40.09 -28.29 10.25
CA ASP B 134 -41.17 -29.01 9.60
C ASP B 134 -42.18 -27.98 9.08
N GLU B 135 -42.49 -27.00 9.93
CA GLU B 135 -43.43 -25.94 9.57
C GLU B 135 -42.80 -25.05 8.49
N LEU B 136 -41.50 -24.80 8.61
CA LEU B 136 -40.79 -23.99 7.65
C LEU B 136 -40.91 -24.60 6.25
N GLU B 137 -40.74 -25.91 6.14
CA GLU B 137 -40.82 -26.55 4.84
C GLU B 137 -42.23 -26.47 4.26
N LYS B 138 -43.24 -26.61 5.11
CA LYS B 138 -44.62 -26.53 4.65
C LYS B 138 -44.91 -25.13 4.12
N LEU B 139 -44.42 -24.12 4.82
CA LEU B 139 -44.61 -22.74 4.41
C LEU B 139 -43.88 -22.50 3.09
N PHE B 140 -42.66 -23.03 2.98
CA PHE B 140 -41.87 -22.89 1.75
C PHE B 140 -42.66 -23.44 0.57
N GLU B 141 -43.21 -24.64 0.71
CA GLU B 141 -44.00 -25.25 -0.36
C GLU B 141 -45.28 -24.49 -0.68
N SER B 142 -45.95 -24.02 0.37
CA SER B 142 -47.18 -23.25 0.17
C SER B 142 -46.90 -21.95 -0.59
N VAL B 143 -45.78 -21.31 -0.29
CA VAL B 143 -45.44 -20.08 -0.99
C VAL B 143 -45.06 -20.36 -2.43
N LYS B 144 -44.44 -21.51 -2.68
CA LYS B 144 -44.08 -21.87 -4.04
C LYS B 144 -45.36 -22.10 -4.84
N ASN B 145 -46.38 -22.69 -4.20
CA ASN B 145 -47.65 -22.94 -4.87
C ASN B 145 -48.30 -21.62 -5.21
N LEU B 146 -48.15 -20.65 -4.30
CA LEU B 146 -48.72 -19.32 -4.49
C LEU B 146 -47.99 -18.61 -5.62
N SER B 147 -46.67 -18.79 -5.66
CA SER B 147 -45.84 -18.18 -6.70
C SER B 147 -46.22 -18.72 -8.09
N LYS B 148 -46.43 -20.02 -8.17
CA LYS B 148 -46.82 -20.64 -9.43
C LYS B 148 -48.16 -20.12 -9.91
N ALA B 149 -49.14 -20.06 -9.02
CA ALA B 149 -50.47 -19.56 -9.38
C ALA B 149 -50.44 -18.11 -9.85
N ALA B 150 -49.69 -17.28 -9.13
CA ALA B 150 -49.56 -15.87 -9.49
C ALA B 150 -48.88 -15.72 -10.85
N LYS B 151 -47.82 -16.47 -11.07
CA LYS B 151 -47.08 -16.45 -12.33
C LYS B 151 -48.00 -16.77 -13.50
N GLU B 152 -48.82 -17.80 -13.33
CA GLU B 152 -49.75 -18.22 -14.38
C GLU B 152 -50.79 -17.15 -14.68
N MET B 153 -51.30 -16.52 -13.63
CA MET B 153 -52.31 -15.46 -13.78
C MET B 153 -51.71 -14.35 -14.64
N LEU B 154 -50.43 -14.06 -14.40
CA LEU B 154 -49.74 -13.02 -15.15
C LEU B 154 -49.41 -13.44 -16.57
N THR B 155 -48.86 -14.65 -16.72
CA THR B 155 -48.50 -15.17 -18.02
C THR B 155 -49.71 -15.28 -18.95
N ASN B 156 -50.88 -15.60 -18.38
CA ASN B 156 -52.08 -15.72 -19.19
C ASN B 156 -52.59 -14.36 -19.65
N SER B 157 -52.63 -13.39 -18.73
CA SER B 157 -53.10 -12.06 -19.07
C SER B 157 -52.23 -11.48 -20.18
N VAL B 158 -50.95 -11.82 -20.19
CA VAL B 158 -50.03 -11.34 -21.22
C VAL B 158 -50.24 -12.06 -22.54
N LYS B 159 -50.66 -13.33 -22.48
CA LYS B 159 -50.91 -14.11 -23.68
C LYS B 159 -52.10 -13.58 -24.45
N GLU B 160 -53.02 -12.93 -23.76
CA GLU B 160 -54.22 -12.38 -24.39
C GLU B 160 -53.86 -11.37 -25.48
N LEU B 161 -52.60 -10.94 -25.51
CA LEU B 161 -52.15 -9.97 -26.50
C LEU B 161 -51.97 -10.60 -27.87
N THR B 162 -51.40 -11.80 -27.91
CA THR B 162 -51.17 -12.50 -29.17
C THR B 162 -52.09 -13.72 -29.33
N SER B 163 -53.21 -13.69 -28.62
CA SER B 163 -54.19 -14.79 -28.68
C SER B 163 -55.58 -14.29 -28.29
N PRO B 164 -56.63 -14.86 -28.91
CA PRO B 164 -56.65 -15.92 -29.92
C PRO B 164 -55.90 -15.55 -31.20
N PRO C 3 23.58 27.71 -34.78
CA PRO C 3 24.86 27.03 -34.47
C PRO C 3 24.73 25.51 -34.54
N ASN C 4 25.69 24.85 -35.18
CA ASN C 4 25.66 23.39 -35.30
C ASN C 4 25.70 22.78 -33.91
N LEU C 5 24.66 22.02 -33.58
CA LEU C 5 24.53 21.38 -32.28
C LEU C 5 25.34 20.11 -32.07
N THR C 6 26.22 19.78 -33.01
CA THR C 6 27.04 18.58 -32.89
C THR C 6 28.33 18.84 -32.11
N GLU C 7 29.06 19.88 -32.51
CA GLU C 7 30.31 20.22 -31.83
C GLU C 7 29.98 20.71 -30.43
N ILE C 8 28.79 21.28 -30.28
CA ILE C 8 28.34 21.82 -29.01
C ILE C 8 28.05 20.72 -28.00
N SER C 9 27.09 19.86 -28.31
CA SER C 9 26.72 18.77 -27.41
C SER C 9 27.93 17.92 -27.04
N LYS C 10 28.85 17.75 -27.98
CA LYS C 10 30.05 16.96 -27.74
C LYS C 10 31.02 17.70 -26.80
N LYS C 11 31.20 18.98 -27.05
CA LYS C 11 32.09 19.79 -26.23
C LYS C 11 31.55 19.90 -24.81
N ILE C 12 30.24 19.99 -24.69
CA ILE C 12 29.58 20.09 -23.39
C ILE C 12 29.78 18.80 -22.60
N THR C 13 29.60 17.66 -23.27
CA THR C 13 29.76 16.36 -22.65
C THR C 13 31.18 16.16 -22.12
N GLU C 14 32.16 16.53 -22.95
CA GLU C 14 33.56 16.39 -22.56
C GLU C 14 33.90 17.35 -21.42
N SER C 15 33.32 18.55 -21.48
CA SER C 15 33.57 19.55 -20.45
C SER C 15 32.96 19.12 -19.12
N ASN C 16 31.75 18.59 -19.17
CA ASN C 16 31.07 18.15 -17.95
C ASN C 16 31.89 17.04 -17.31
N ALA C 17 32.47 16.17 -18.14
CA ALA C 17 33.28 15.05 -17.67
C ALA C 17 34.46 15.58 -16.85
N VAL C 18 35.10 16.63 -17.36
CA VAL C 18 36.23 17.23 -16.68
C VAL C 18 35.81 17.81 -15.32
N VAL C 19 34.71 18.54 -15.32
CA VAL C 19 34.22 19.13 -14.07
C VAL C 19 33.88 18.03 -13.06
N LEU C 20 33.37 16.90 -13.55
CA LEU C 20 33.03 15.78 -12.69
C LEU C 20 34.30 15.09 -12.19
N ALA C 21 35.27 14.93 -13.08
CA ALA C 21 36.53 14.31 -12.71
C ALA C 21 37.20 15.14 -11.62
N VAL C 22 37.17 16.46 -11.77
CA VAL C 22 37.77 17.35 -10.78
C VAL C 22 36.99 17.31 -9.46
N LYS C 23 35.67 17.17 -9.56
CA LYS C 23 34.82 17.10 -8.36
C LYS C 23 35.26 15.92 -7.50
N GLU C 24 35.67 14.83 -8.15
CA GLU C 24 36.12 13.64 -7.43
C GLU C 24 37.37 14.00 -6.61
N VAL C 25 38.30 14.71 -7.22
CA VAL C 25 39.52 15.11 -6.55
C VAL C 25 39.20 16.02 -5.37
N GLU C 26 38.32 16.98 -5.60
CA GLU C 26 37.96 17.92 -4.55
C GLU C 26 37.22 17.23 -3.41
N THR C 27 36.41 16.23 -3.73
CA THR C 27 35.68 15.52 -2.69
C THR C 27 36.59 14.64 -1.85
N LEU C 28 37.64 14.10 -2.45
CA LEU C 28 38.59 13.26 -1.71
C LEU C 28 39.33 14.13 -0.71
N LEU C 29 39.53 15.40 -1.04
CA LEU C 29 40.21 16.31 -0.13
C LEU C 29 39.27 16.61 1.02
N THR C 30 37.98 16.69 0.72
CA THR C 30 36.97 16.94 1.73
C THR C 30 36.95 15.77 2.72
N SER C 31 37.14 14.56 2.20
CA SER C 31 37.14 13.38 3.05
C SER C 31 38.32 13.41 4.02
N ILE C 32 39.45 13.95 3.57
CA ILE C 32 40.62 14.03 4.44
C ILE C 32 40.37 15.04 5.55
N ASP C 33 39.66 16.12 5.24
CA ASP C 33 39.36 17.11 6.26
C ASP C 33 38.42 16.48 7.28
N GLU C 34 37.62 15.53 6.84
CA GLU C 34 36.70 14.85 7.75
C GLU C 34 37.50 13.89 8.65
N LEU C 35 38.55 13.30 8.09
CA LEU C 35 39.39 12.38 8.87
C LEU C 35 40.11 13.14 9.97
N ALA C 36 40.55 14.35 9.67
CA ALA C 36 41.26 15.19 10.64
C ALA C 36 40.41 15.44 11.88
N LYS C 37 39.10 15.48 11.69
CA LYS C 37 38.16 15.70 12.78
C LYS C 37 38.02 14.47 13.67
N ALA C 38 38.55 13.34 13.22
CA ALA C 38 38.46 12.10 14.00
C ALA C 38 39.75 11.86 14.79
N ILE C 39 40.72 12.78 14.64
CA ILE C 39 41.99 12.65 15.35
C ILE C 39 41.75 12.67 16.86
N GLY C 40 42.25 11.63 17.53
CA GLY C 40 42.12 11.53 18.98
C GLY C 40 40.71 11.18 19.44
N LYS C 41 39.90 10.67 18.53
CA LYS C 41 38.52 10.31 18.85
C LYS C 41 38.22 8.83 18.67
N LYS C 42 37.11 8.39 19.25
CA LYS C 42 36.66 7.01 19.14
C LYS C 42 35.14 7.01 19.14
N ILE C 43 34.55 6.02 18.47
CA ILE C 43 33.11 5.92 18.40
C ILE C 43 32.50 5.53 19.74
N LYS C 44 31.33 6.06 20.05
CA LYS C 44 30.61 5.71 21.27
C LYS C 44 29.15 5.57 20.89
N SER C 45 28.27 5.20 21.82
CA SER C 45 26.86 5.07 21.46
C SER C 45 26.22 6.46 21.47
N ASP C 46 26.62 7.31 20.54
CA ASP C 46 26.11 8.67 20.43
C ASP C 46 26.42 9.23 19.05
N VAL C 47 25.91 10.41 18.73
CA VAL C 47 26.21 11.00 17.43
C VAL C 47 27.65 11.49 17.43
N SER C 48 28.02 12.10 18.55
CA SER C 48 29.35 12.64 18.75
C SER C 48 30.36 11.57 19.14
N LEU C 49 31.61 11.82 18.79
CA LEU C 49 32.69 10.90 19.11
C LEU C 49 33.22 11.16 20.50
N ASP C 50 33.78 10.12 21.11
CA ASP C 50 34.35 10.19 22.45
C ASP C 50 35.86 10.41 22.28
N ASN C 51 36.56 10.70 23.37
CA ASN C 51 38.00 10.92 23.30
C ASN C 51 38.82 9.64 23.44
N GLU C 52 39.90 9.59 22.68
CA GLU C 52 40.83 8.46 22.68
C GLU C 52 42.08 9.00 22.01
N ALA C 53 42.96 9.61 22.80
CA ALA C 53 44.16 10.22 22.25
C ALA C 53 45.37 9.33 22.00
N ASP C 54 46.18 9.78 21.04
CA ASP C 54 47.44 9.15 20.66
C ASP C 54 47.41 7.75 20.06
N HIS C 55 46.42 7.48 19.21
CA HIS C 55 46.31 6.19 18.53
C HIS C 55 45.77 6.43 17.14
N ASN C 56 46.33 7.42 16.46
CA ASN C 56 45.89 7.81 15.14
C ASN C 56 46.59 7.12 13.97
N GLY C 57 47.32 6.05 14.24
CA GLY C 57 48.03 5.35 13.19
C GLY C 57 47.17 4.88 12.03
N SER C 58 46.14 4.10 12.32
CA SER C 58 45.26 3.58 11.27
C SER C 58 44.57 4.71 10.51
N LEU C 59 44.17 5.75 11.23
CA LEU C 59 43.50 6.89 10.62
C LEU C 59 44.47 7.56 9.64
N MET C 60 45.71 7.73 10.06
CA MET C 60 46.72 8.33 9.21
C MET C 60 47.01 7.47 7.98
N SER C 61 46.99 6.15 8.14
CA SER C 61 47.22 5.26 7.01
C SER C 61 46.11 5.42 5.98
N GLY C 62 44.88 5.58 6.47
CA GLY C 62 43.76 5.79 5.58
C GLY C 62 43.93 7.09 4.81
N ALA C 63 44.34 8.15 5.50
CA ALA C 63 44.55 9.45 4.84
C ALA C 63 45.63 9.32 3.77
N TYR C 64 46.65 8.52 4.07
CA TYR C 64 47.74 8.28 3.14
C TYR C 64 47.22 7.61 1.86
N LEU C 65 46.44 6.54 2.03
CA LEU C 65 45.91 5.85 0.86
C LEU C 65 45.03 6.78 0.03
N ILE C 66 44.28 7.63 0.71
CA ILE C 66 43.43 8.56 0.00
C ILE C 66 44.31 9.55 -0.78
N SER C 67 45.47 9.88 -0.22
CA SER C 67 46.36 10.82 -0.90
C SER C 67 46.87 10.20 -2.19
N THR C 68 47.11 8.89 -2.20
CA THR C 68 47.60 8.24 -3.42
C THR C 68 46.46 8.17 -4.45
N LEU C 69 45.23 8.07 -3.98
CA LEU C 69 44.06 8.00 -4.86
C LEU C 69 43.82 9.36 -5.52
N ILE C 70 44.11 10.44 -4.78
CA ILE C 70 43.94 11.79 -5.30
C ILE C 70 44.82 11.98 -6.54
N THR C 71 46.05 11.47 -6.47
CA THR C 71 46.96 11.59 -7.60
C THR C 71 46.45 10.81 -8.81
N LYS C 72 45.96 9.60 -8.56
CA LYS C 72 45.41 8.76 -9.62
C LYS C 72 44.19 9.42 -10.26
N LYS C 73 43.39 10.12 -9.45
CA LYS C 73 42.20 10.79 -9.94
C LYS C 73 42.55 12.02 -10.78
N ILE C 74 43.64 12.71 -10.43
CA ILE C 74 44.04 13.86 -11.22
C ILE C 74 44.54 13.39 -12.58
N SER C 75 45.23 12.25 -12.59
CA SER C 75 45.75 11.68 -13.84
C SER C 75 44.65 11.09 -14.73
N ALA C 76 43.49 10.84 -14.15
CA ALA C 76 42.37 10.27 -14.89
C ALA C 76 41.59 11.34 -15.66
N ILE C 77 41.87 12.60 -15.35
CA ILE C 77 41.19 13.70 -16.03
C ILE C 77 41.65 13.80 -17.49
N LYS C 78 40.70 13.76 -18.41
CA LYS C 78 41.04 13.85 -19.83
C LYS C 78 41.12 15.32 -20.24
N ASP C 79 42.34 15.81 -20.43
CA ASP C 79 42.55 17.20 -20.82
C ASP C 79 42.98 17.36 -22.27
N SER C 80 42.36 18.33 -22.95
CA SER C 80 42.67 18.61 -24.35
C SER C 80 43.88 19.53 -24.45
N GLY C 81 44.24 20.17 -23.33
CA GLY C 81 45.37 21.08 -23.33
C GLY C 81 45.06 22.44 -22.74
N GLU C 82 43.79 22.69 -22.49
CA GLU C 82 43.35 23.97 -21.93
C GLU C 82 43.64 24.06 -20.44
N LEU C 83 43.65 22.91 -19.76
CA LEU C 83 43.92 22.87 -18.32
C LEU C 83 45.24 22.19 -18.00
N LYS C 84 46.11 22.12 -19.00
CA LYS C 84 47.42 21.48 -18.83
C LYS C 84 48.21 21.96 -17.62
N ALA C 85 48.32 23.28 -17.46
CA ALA C 85 49.05 23.86 -16.34
C ALA C 85 48.39 23.57 -15.00
N GLU C 86 47.07 23.76 -14.93
CA GLU C 86 46.31 23.52 -13.70
C GLU C 86 46.42 22.08 -13.23
N ILE C 87 46.25 21.15 -14.16
CA ILE C 87 46.32 19.72 -13.85
C ILE C 87 47.72 19.31 -13.40
N GLU C 88 48.73 19.83 -14.08
CA GLU C 88 50.11 19.51 -13.75
C GLU C 88 50.50 20.01 -12.36
N LYS C 89 50.03 21.20 -11.99
CA LYS C 89 50.35 21.76 -10.68
C LYS C 89 49.69 20.94 -9.57
N ALA C 90 48.41 20.64 -9.74
CA ALA C 90 47.68 19.86 -8.75
C ALA C 90 48.34 18.50 -8.57
N LYS C 91 48.78 17.92 -9.68
CA LYS C 91 49.44 16.62 -9.66
C LYS C 91 50.73 16.61 -8.86
N LYS C 92 51.56 17.65 -9.04
CA LYS C 92 52.82 17.70 -8.32
C LYS C 92 52.58 17.96 -6.84
N CYS C 93 51.62 18.83 -6.51
CA CYS C 93 51.31 19.11 -5.11
C CYS C 93 50.76 17.85 -4.44
N SER C 94 50.01 17.04 -5.18
CA SER C 94 49.44 15.81 -4.62
C SER C 94 50.56 14.80 -4.35
N GLU C 95 51.57 14.80 -5.23
CA GLU C 95 52.70 13.90 -5.07
C GLU C 95 53.55 14.33 -3.87
N GLU C 96 53.68 15.64 -3.68
CA GLU C 96 54.46 16.17 -2.57
C GLU C 96 53.80 15.86 -1.23
N PHE C 97 52.47 15.91 -1.19
CA PHE C 97 51.74 15.61 0.03
C PHE C 97 52.00 14.17 0.44
N THR C 98 51.84 13.26 -0.52
CA THR C 98 52.07 11.84 -0.28
C THR C 98 53.52 11.59 0.14
N ALA C 99 54.46 12.24 -0.52
CA ALA C 99 55.88 12.06 -0.20
C ALA C 99 56.19 12.54 1.22
N LYS C 100 55.53 13.60 1.66
CA LYS C 100 55.77 14.14 2.99
C LYS C 100 55.29 13.17 4.07
N LEU C 101 54.15 12.53 3.81
CA LEU C 101 53.60 11.58 4.77
C LEU C 101 54.52 10.36 4.91
N LYS C 102 55.03 9.85 3.78
CA LYS C 102 55.93 8.71 3.84
C LYS C 102 57.23 9.03 4.55
N GLY C 103 57.78 10.21 4.27
CA GLY C 103 59.02 10.61 4.91
C GLY C 103 58.90 10.76 6.42
N GLU C 104 57.67 11.04 6.88
CA GLU C 104 57.42 11.21 8.31
C GLU C 104 56.98 9.89 8.94
N HIS C 105 57.35 8.79 8.29
CA HIS C 105 56.99 7.46 8.75
C HIS C 105 57.39 7.17 10.20
N THR C 106 58.39 7.88 10.71
CA THR C 106 58.82 7.66 12.09
C THR C 106 57.74 8.06 13.09
N ASP C 107 57.18 9.24 12.88
CA ASP C 107 56.13 9.75 13.75
C ASP C 107 54.72 9.37 13.32
N LEU C 108 54.55 8.99 12.05
CA LEU C 108 53.22 8.65 11.55
C LEU C 108 53.02 7.17 11.23
N GLY C 109 54.11 6.42 11.16
CA GLY C 109 54.03 5.02 10.81
C GLY C 109 54.09 4.10 12.03
N LYS C 110 53.01 4.09 12.78
CA LYS C 110 52.87 3.28 13.98
C LYS C 110 51.43 3.44 14.45
N GLU C 111 50.97 2.57 15.33
CA GLU C 111 49.59 2.67 15.79
C GLU C 111 49.42 3.84 16.74
N GLY C 112 50.44 4.10 17.55
CA GLY C 112 50.37 5.18 18.52
C GLY C 112 50.76 6.57 18.05
N VAL C 113 50.23 7.00 16.90
CA VAL C 113 50.51 8.32 16.38
C VAL C 113 49.82 9.35 17.28
N THR C 114 50.58 10.26 17.86
CA THR C 114 50.00 11.26 18.76
C THR C 114 49.02 12.19 18.05
N ASP C 115 48.07 12.73 18.81
CA ASP C 115 47.09 13.66 18.26
C ASP C 115 47.84 14.83 17.65
N ASP C 116 48.89 15.28 18.34
CA ASP C 116 49.69 16.39 17.85
C ASP C 116 50.35 16.13 16.51
N ASN C 117 51.02 14.99 16.36
CA ASN C 117 51.67 14.69 15.08
C ASN C 117 50.65 14.42 13.97
N ALA C 118 49.49 13.88 14.34
CA ALA C 118 48.45 13.60 13.35
C ALA C 118 47.98 14.93 12.76
N LYS C 119 47.80 15.92 13.62
CA LYS C 119 47.35 17.24 13.17
C LYS C 119 48.37 17.95 12.28
N LYS C 120 49.66 17.68 12.52
CA LYS C 120 50.71 18.30 11.72
C LYS C 120 50.72 17.70 10.32
N ALA C 121 50.00 16.60 10.15
CA ALA C 121 49.96 15.92 8.86
C ALA C 121 48.70 16.17 8.04
N ILE C 122 47.54 16.27 8.70
CA ILE C 122 46.30 16.45 7.94
C ILE C 122 45.34 17.55 8.38
N LEU C 123 45.70 18.35 9.39
CA LEU C 123 44.83 19.43 9.82
C LEU C 123 45.38 20.74 9.26
N LYS C 124 44.76 21.23 8.19
CA LYS C 124 45.19 22.47 7.54
C LYS C 124 45.22 23.69 8.44
N THR C 125 44.34 23.73 9.44
CA THR C 125 44.27 24.87 10.34
C THR C 125 45.18 24.77 11.57
N ASN C 126 45.99 23.72 11.61
CA ASN C 126 46.90 23.51 12.73
C ASN C 126 48.06 24.51 12.67
N ASN C 127 48.56 24.92 13.82
CA ASN C 127 49.67 25.86 13.86
C ASN C 127 50.91 25.24 13.23
N ASP C 128 51.23 24.01 13.64
CA ASP C 128 52.38 23.29 13.12
C ASP C 128 51.91 22.40 11.97
N LYS C 129 52.41 22.65 10.77
CA LYS C 129 52.01 21.87 9.59
C LYS C 129 53.25 21.26 8.94
N THR C 130 54.21 20.86 9.78
CA THR C 130 55.47 20.32 9.30
C THR C 130 55.51 18.83 8.96
N LYS C 131 54.37 18.16 9.02
CA LYS C 131 54.36 16.73 8.68
C LYS C 131 53.40 16.40 7.55
N GLY C 132 53.04 17.40 6.75
CA GLY C 132 52.15 17.17 5.63
C GLY C 132 51.01 18.17 5.48
N ALA C 133 50.57 18.73 6.61
CA ALA C 133 49.47 19.68 6.60
C ALA C 133 49.77 20.88 5.71
N ASP C 134 51.06 21.19 5.55
CA ASP C 134 51.48 22.31 4.72
C ASP C 134 51.22 21.96 3.26
N GLU C 135 51.60 20.75 2.87
CA GLU C 135 51.41 20.27 1.51
C GLU C 135 49.90 20.14 1.20
N LEU C 136 49.14 19.69 2.19
CA LEU C 136 47.71 19.51 2.01
C LEU C 136 47.02 20.83 1.70
N GLU C 137 47.42 21.88 2.41
CA GLU C 137 46.85 23.22 2.19
C GLU C 137 47.17 23.71 0.79
N LYS C 138 48.39 23.44 0.33
CA LYS C 138 48.80 23.86 -1.01
C LYS C 138 48.04 23.07 -2.07
N LEU C 139 47.81 21.79 -1.80
CA LEU C 139 47.08 20.94 -2.73
C LEU C 139 45.65 21.43 -2.88
N PHE C 140 45.04 21.84 -1.77
CA PHE C 140 43.66 22.32 -1.80
C PHE C 140 43.54 23.54 -2.71
N GLU C 141 44.51 24.44 -2.63
CA GLU C 141 44.50 25.65 -3.45
C GLU C 141 44.68 25.31 -4.93
N SER C 142 45.59 24.39 -5.23
CA SER C 142 45.85 23.98 -6.61
C SER C 142 44.61 23.32 -7.22
N VAL C 143 43.89 22.56 -6.40
CA VAL C 143 42.69 21.89 -6.90
C VAL C 143 41.57 22.92 -7.07
N LYS C 144 41.55 23.90 -6.20
CA LYS C 144 40.53 24.95 -6.26
C LYS C 144 40.69 25.76 -7.55
N ASN C 145 41.94 26.04 -7.92
CA ASN C 145 42.19 26.79 -9.15
C ASN C 145 41.79 25.94 -10.34
N LEU C 146 42.08 24.64 -10.27
CA LEU C 146 41.72 23.73 -11.34
C LEU C 146 40.20 23.66 -11.51
N SER C 147 39.49 23.61 -10.39
CA SER C 147 38.02 23.55 -10.41
C SER C 147 37.44 24.77 -11.10
N LYS C 148 37.95 25.94 -10.75
CA LYS C 148 37.46 27.20 -11.32
C LYS C 148 37.67 27.23 -12.83
N ALA C 149 38.86 26.83 -13.27
CA ALA C 149 39.19 26.81 -14.70
C ALA C 149 38.34 25.80 -15.45
N ALA C 150 38.05 24.67 -14.81
CA ALA C 150 37.24 23.63 -15.43
C ALA C 150 35.78 24.05 -15.50
N LYS C 151 35.29 24.66 -14.42
CA LYS C 151 33.91 25.11 -14.37
C LYS C 151 33.67 26.17 -15.43
N GLU C 152 34.72 26.93 -15.75
CA GLU C 152 34.62 27.98 -16.76
C GLU C 152 34.44 27.39 -18.15
N MET C 153 35.17 26.33 -18.45
CA MET C 153 35.06 25.69 -19.76
C MET C 153 33.63 25.20 -19.98
N LEU C 154 33.09 24.50 -18.99
CA LEU C 154 31.73 23.97 -19.08
C LEU C 154 30.73 25.09 -19.33
N THR C 155 30.80 26.15 -18.51
CA THR C 155 29.90 27.28 -18.65
C THR C 155 29.96 27.87 -20.06
N ASN C 156 31.16 28.14 -20.55
CA ASN C 156 31.34 28.70 -21.88
C ASN C 156 30.81 27.76 -22.95
N SER C 157 31.11 26.48 -22.82
CA SER C 157 30.67 25.49 -23.78
C SER C 157 29.14 25.45 -23.83
N VAL C 158 28.51 25.65 -22.68
CA VAL C 158 27.06 25.65 -22.59
C VAL C 158 26.44 26.98 -23.01
N LYS C 159 27.14 28.07 -22.75
CA LYS C 159 26.65 29.40 -23.12
C LYS C 159 26.45 29.51 -24.63
N GLU C 160 27.10 28.63 -25.37
CA GLU C 160 26.99 28.64 -26.82
C GLU C 160 25.56 28.34 -27.28
N LEU C 161 24.74 27.85 -26.36
CA LEU C 161 23.35 27.54 -26.66
C LEU C 161 22.51 28.81 -26.73
N THR C 162 23.16 29.96 -26.54
CA THR C 162 22.48 31.24 -26.59
C THR C 162 23.18 32.16 -27.59
N SER C 163 23.88 31.55 -28.54
CA SER C 163 24.62 32.29 -29.56
C SER C 163 23.70 33.23 -30.35
N PRO C 164 24.29 34.20 -31.08
CA PRO C 164 25.73 34.47 -31.23
C PRO C 164 26.46 34.70 -29.91
N PRO D 3 14.70 22.78 -31.69
CA PRO D 3 14.17 22.80 -30.31
C PRO D 3 14.42 24.14 -29.65
N ASN D 4 13.83 24.35 -28.48
CA ASN D 4 13.99 25.59 -27.74
C ASN D 4 15.36 25.59 -27.05
N LEU D 5 16.37 26.10 -27.74
CA LEU D 5 17.72 26.17 -27.20
C LEU D 5 17.81 27.04 -25.95
N THR D 6 16.69 27.66 -25.58
CA THR D 6 16.65 28.53 -24.40
C THR D 6 16.21 27.75 -23.17
N GLU D 7 15.28 26.82 -23.36
CA GLU D 7 14.76 26.01 -22.27
C GLU D 7 15.64 24.78 -22.07
N ILE D 8 16.37 24.40 -23.11
CA ILE D 8 17.26 23.25 -23.05
C ILE D 8 18.57 23.65 -22.36
N SER D 9 19.05 24.85 -22.66
CA SER D 9 20.29 25.35 -22.07
C SER D 9 20.19 25.35 -20.55
N LYS D 10 19.07 25.84 -20.04
CA LYS D 10 18.85 25.88 -18.60
C LYS D 10 18.66 24.48 -18.04
N LYS D 11 17.99 23.62 -18.81
CA LYS D 11 17.74 22.26 -18.38
C LYS D 11 19.06 21.50 -18.22
N ILE D 12 19.98 21.73 -19.15
CA ILE D 12 21.29 21.07 -19.11
C ILE D 12 22.08 21.53 -17.87
N THR D 13 22.03 22.83 -17.59
CA THR D 13 22.73 23.39 -16.45
C THR D 13 22.13 22.86 -15.15
N GLU D 14 20.80 22.75 -15.11
CA GLU D 14 20.09 22.25 -13.94
C GLU D 14 20.51 20.81 -13.67
N SER D 15 20.53 19.99 -14.71
CA SER D 15 20.89 18.60 -14.59
C SER D 15 22.38 18.39 -14.31
N ASN D 16 23.20 19.33 -14.74
CA ASN D 16 24.65 19.21 -14.49
C ASN D 16 24.94 19.41 -13.01
N ALA D 17 24.14 20.23 -12.35
CA ALA D 17 24.33 20.50 -10.92
C ALA D 17 23.92 19.30 -10.08
N VAL D 18 22.94 18.55 -10.56
CA VAL D 18 22.48 17.37 -9.84
C VAL D 18 23.51 16.25 -9.95
N VAL D 19 23.98 16.00 -11.17
CA VAL D 19 24.98 14.96 -11.40
C VAL D 19 26.23 15.26 -10.58
N LEU D 20 26.59 16.54 -10.49
CA LEU D 20 27.77 16.96 -9.74
C LEU D 20 27.56 16.72 -8.23
N ALA D 21 26.35 16.94 -7.75
CA ALA D 21 26.05 16.74 -6.33
C ALA D 21 26.08 15.26 -5.97
N VAL D 22 25.57 14.43 -6.87
CA VAL D 22 25.54 12.98 -6.66
C VAL D 22 26.98 12.45 -6.75
N LYS D 23 27.77 13.05 -7.63
CA LYS D 23 29.17 12.64 -7.79
C LYS D 23 29.93 12.83 -6.48
N GLU D 24 29.53 13.82 -5.69
CA GLU D 24 30.17 14.09 -4.41
C GLU D 24 29.86 12.93 -3.45
N VAL D 25 28.60 12.50 -3.44
CA VAL D 25 28.21 11.38 -2.59
C VAL D 25 28.92 10.10 -3.01
N GLU D 26 28.98 9.86 -4.32
CA GLU D 26 29.64 8.67 -4.86
C GLU D 26 31.10 8.61 -4.42
N THR D 27 31.77 9.76 -4.45
CA THR D 27 33.18 9.85 -4.10
C THR D 27 33.45 9.68 -2.59
N LEU D 28 32.52 10.13 -1.75
CA LEU D 28 32.72 9.96 -0.31
C LEU D 28 32.65 8.47 0.00
N LEU D 29 31.84 7.72 -0.76
CA LEU D 29 31.73 6.28 -0.55
C LEU D 29 33.04 5.63 -1.01
N THR D 30 33.61 6.19 -2.05
CA THR D 30 34.87 5.70 -2.59
C THR D 30 35.98 5.92 -1.57
N SER D 31 35.89 6.99 -0.80
CA SER D 31 36.92 7.28 0.20
C SER D 31 36.86 6.24 1.33
N ILE D 32 35.66 5.78 1.66
CA ILE D 32 35.52 4.76 2.71
C ILE D 32 36.11 3.43 2.21
N ASP D 33 35.91 3.13 0.92
CA ASP D 33 36.47 1.90 0.35
C ASP D 33 37.99 1.97 0.43
N GLU D 34 38.53 3.17 0.30
CA GLU D 34 39.96 3.38 0.37
C GLU D 34 40.44 3.18 1.83
N LEU D 35 39.68 3.69 2.79
CA LEU D 35 40.02 3.55 4.21
C LEU D 35 40.06 2.06 4.58
N ALA D 36 39.16 1.30 3.98
CA ALA D 36 39.08 -0.13 4.26
C ALA D 36 40.41 -0.81 3.89
N LYS D 37 41.11 -0.28 2.90
CA LYS D 37 42.39 -0.87 2.49
C LYS D 37 43.51 -0.62 3.49
N ALA D 38 43.27 0.28 4.45
CA ALA D 38 44.26 0.60 5.46
C ALA D 38 44.08 -0.23 6.73
N ILE D 39 43.04 -1.07 6.77
CA ILE D 39 42.82 -1.91 7.94
C ILE D 39 44.04 -2.78 8.24
N GLY D 40 44.51 -2.71 9.49
CA GLY D 40 45.65 -3.51 9.92
C GLY D 40 46.98 -3.11 9.28
N LYS D 41 47.06 -1.87 8.82
CA LYS D 41 48.27 -1.38 8.16
C LYS D 41 48.82 -0.14 8.84
N LYS D 42 50.06 0.19 8.50
CA LYS D 42 50.74 1.37 9.03
C LYS D 42 51.66 1.93 7.95
N ILE D 43 51.88 3.24 7.97
CA ILE D 43 52.74 3.88 6.99
C ILE D 43 54.21 3.50 7.18
N LYS D 44 54.92 3.32 6.08
CA LYS D 44 56.36 3.03 6.11
C LYS D 44 56.94 3.83 4.95
N SER D 45 58.26 3.95 4.87
CA SER D 45 58.86 4.73 3.80
C SER D 45 58.84 3.97 2.48
N ASP D 46 57.64 3.78 1.94
CA ASP D 46 57.46 3.08 0.67
C ASP D 46 56.03 3.28 0.18
N VAL D 47 55.75 2.86 -1.06
CA VAL D 47 54.42 3.02 -1.62
C VAL D 47 53.38 2.20 -0.85
N SER D 48 53.68 0.94 -0.61
CA SER D 48 52.76 0.08 0.10
C SER D 48 52.89 0.24 1.60
N LEU D 49 51.75 0.10 2.29
CA LEU D 49 51.72 0.20 3.74
C LEU D 49 52.30 -1.07 4.34
N ASP D 50 52.70 -1.00 5.61
CA ASP D 50 53.25 -2.15 6.31
C ASP D 50 52.14 -2.69 7.22
N ASN D 51 52.37 -3.84 7.84
CA ASN D 51 51.37 -4.42 8.73
C ASN D 51 51.45 -3.91 10.16
N GLU D 52 50.27 -3.73 10.76
CA GLU D 52 50.14 -3.28 12.15
C GLU D 52 48.72 -3.69 12.51
N ALA D 53 48.57 -4.95 12.89
CA ALA D 53 47.27 -5.52 13.19
C ALA D 53 46.57 -5.09 14.46
N ASP D 54 45.24 -5.05 14.36
CA ASP D 54 44.31 -4.75 15.44
C ASP D 54 44.40 -3.42 16.17
N HIS D 55 44.54 -2.32 15.42
CA HIS D 55 44.59 -0.97 16.00
C HIS D 55 43.84 -0.06 15.04
N ASN D 56 42.67 -0.51 14.61
CA ASN D 56 41.87 0.22 13.63
C ASN D 56 40.83 1.18 14.17
N GLY D 57 40.91 1.50 15.45
CA GLY D 57 39.95 2.40 16.04
C GLY D 57 39.85 3.80 15.43
N SER D 58 40.99 4.48 15.28
CA SER D 58 40.95 5.84 14.72
C SER D 58 40.45 5.82 13.28
N LEU D 59 40.77 4.75 12.57
CA LEU D 59 40.35 4.58 11.18
C LEU D 59 38.82 4.46 11.11
N MET D 60 38.25 3.65 11.99
CA MET D 60 36.81 3.44 12.02
C MET D 60 36.10 4.75 12.36
N SER D 61 36.71 5.53 13.25
CA SER D 61 36.15 6.81 13.65
C SER D 61 36.04 7.73 12.45
N GLY D 62 37.07 7.73 11.60
CA GLY D 62 37.06 8.57 10.42
C GLY D 62 35.97 8.12 9.46
N ALA D 63 35.83 6.81 9.31
CA ALA D 63 34.81 6.27 8.41
C ALA D 63 33.43 6.70 8.92
N TYR D 64 33.26 6.66 10.24
CA TYR D 64 32.01 7.06 10.86
C TYR D 64 31.65 8.51 10.53
N LEU D 65 32.62 9.42 10.69
CA LEU D 65 32.34 10.82 10.38
C LEU D 65 31.99 11.00 8.91
N ILE D 66 32.65 10.24 8.03
CA ILE D 66 32.35 10.35 6.61
C ILE D 66 30.93 9.84 6.33
N SER D 67 30.49 8.82 7.06
CA SER D 67 29.15 8.28 6.84
C SER D 67 28.09 9.31 7.20
N THR D 68 28.36 10.14 8.21
CA THR D 68 27.39 11.17 8.61
C THR D 68 27.37 12.30 7.59
N LEU D 69 28.53 12.59 7.00
CA LEU D 69 28.64 13.63 5.97
C LEU D 69 27.85 13.21 4.72
N ILE D 70 27.89 11.92 4.40
CA ILE D 70 27.17 11.39 3.24
C ILE D 70 25.68 11.64 3.35
N THR D 71 25.12 11.42 4.55
CA THR D 71 23.69 11.63 4.77
C THR D 71 23.32 13.10 4.58
N LYS D 72 24.21 14.00 4.98
CA LYS D 72 23.98 15.43 4.85
C LYS D 72 24.01 15.82 3.37
N LYS D 73 24.95 15.26 2.64
CA LYS D 73 25.07 15.56 1.22
C LYS D 73 23.85 15.06 0.46
N ILE D 74 23.40 13.85 0.81
CA ILE D 74 22.24 13.27 0.16
C ILE D 74 21.01 14.14 0.39
N SER D 75 20.85 14.63 1.61
CA SER D 75 19.72 15.48 1.97
C SER D 75 19.76 16.85 1.31
N ALA D 76 20.93 17.23 0.80
CA ALA D 76 21.10 18.54 0.18
C ALA D 76 20.88 18.49 -1.34
N ILE D 77 20.78 17.30 -1.90
CA ILE D 77 20.57 17.16 -3.34
C ILE D 77 19.25 17.82 -3.75
N LYS D 78 19.31 18.66 -4.77
CA LYS D 78 18.12 19.36 -5.26
C LYS D 78 17.32 18.43 -6.16
N ASP D 79 16.07 18.16 -5.77
CA ASP D 79 15.21 17.28 -6.55
C ASP D 79 13.85 17.93 -6.77
N SER D 80 13.36 17.83 -8.00
CA SER D 80 12.06 18.39 -8.36
C SER D 80 11.02 17.29 -8.30
N GLY D 81 11.48 16.06 -8.03
CA GLY D 81 10.57 14.92 -7.96
C GLY D 81 10.98 13.77 -8.85
N GLU D 82 11.85 14.03 -9.80
CA GLU D 82 12.30 13.00 -10.73
C GLU D 82 13.11 11.91 -10.02
N LEU D 83 14.05 12.32 -9.18
CA LEU D 83 14.89 11.37 -8.46
C LEU D 83 14.38 11.14 -7.04
N LYS D 84 13.10 11.45 -6.84
CA LYS D 84 12.47 11.30 -5.53
C LYS D 84 12.75 9.95 -4.88
N ALA D 85 12.41 8.87 -5.58
CA ALA D 85 12.60 7.52 -5.07
C ALA D 85 14.06 7.16 -4.80
N GLU D 86 14.93 7.44 -5.78
CA GLU D 86 16.35 7.12 -5.67
C GLU D 86 17.02 7.88 -4.53
N ILE D 87 16.63 9.13 -4.33
CA ILE D 87 17.21 9.94 -3.26
C ILE D 87 16.76 9.40 -1.90
N GLU D 88 15.46 9.14 -1.78
CA GLU D 88 14.90 8.62 -0.54
C GLU D 88 15.58 7.33 -0.10
N LYS D 89 15.78 6.42 -1.05
CA LYS D 89 16.40 5.14 -0.75
C LYS D 89 17.85 5.29 -0.31
N ALA D 90 18.61 6.13 -1.01
CA ALA D 90 20.00 6.34 -0.67
C ALA D 90 20.11 6.98 0.73
N LYS D 91 19.21 7.90 1.02
CA LYS D 91 19.26 8.56 2.32
C LYS D 91 19.00 7.56 3.45
N LYS D 92 18.01 6.70 3.26
CA LYS D 92 17.67 5.70 4.27
C LYS D 92 18.83 4.73 4.52
N CYS D 93 19.43 4.22 3.45
CA CYS D 93 20.53 3.29 3.60
C CYS D 93 21.73 3.98 4.25
N SER D 94 21.94 5.26 3.97
CA SER D 94 23.06 5.97 4.57
C SER D 94 22.83 6.10 6.07
N GLU D 95 21.58 6.29 6.48
CA GLU D 95 21.25 6.41 7.89
C GLU D 95 21.44 5.07 8.61
N GLU D 96 21.05 3.99 7.93
CA GLU D 96 21.19 2.66 8.51
C GLU D 96 22.65 2.27 8.69
N PHE D 97 23.47 2.70 7.75
CA PHE D 97 24.91 2.42 7.83
C PHE D 97 25.46 3.06 9.11
N THR D 98 25.20 4.35 9.30
CA THR D 98 25.69 5.05 10.49
C THR D 98 25.12 4.44 11.78
N ALA D 99 23.84 4.10 11.77
CA ALA D 99 23.20 3.51 12.94
C ALA D 99 23.83 2.17 13.30
N LYS D 100 24.18 1.37 12.27
CA LYS D 100 24.80 0.07 12.49
C LYS D 100 26.16 0.25 13.16
N LEU D 101 26.96 1.17 12.64
CA LEU D 101 28.27 1.43 13.22
C LEU D 101 28.17 1.88 14.67
N LYS D 102 27.28 2.83 14.94
CA LYS D 102 27.09 3.34 16.29
C LYS D 102 26.67 2.21 17.23
N GLY D 103 25.82 1.32 16.73
CA GLY D 103 25.33 0.20 17.51
C GLY D 103 26.42 -0.80 17.87
N GLU D 104 27.50 -0.78 17.10
CA GLU D 104 28.62 -1.68 17.34
C GLU D 104 29.74 -0.96 18.08
N HIS D 105 29.39 0.07 18.83
CA HIS D 105 30.39 0.85 19.56
C HIS D 105 31.29 0.03 20.49
N THR D 106 30.78 -1.07 21.03
CA THR D 106 31.59 -1.89 21.93
C THR D 106 32.79 -2.50 21.21
N ASP D 107 32.56 -3.00 20.00
CA ASP D 107 33.63 -3.60 19.21
C ASP D 107 34.38 -2.60 18.34
N LEU D 108 33.72 -1.50 17.97
CA LEU D 108 34.33 -0.50 17.11
C LEU D 108 34.78 0.78 17.81
N GLY D 109 34.31 0.99 19.04
CA GLY D 109 34.66 2.18 19.78
C GLY D 109 35.81 2.03 20.77
N LYS D 110 37.00 1.80 20.25
CA LYS D 110 38.19 1.62 21.06
C LYS D 110 39.36 1.77 20.11
N GLU D 111 40.56 2.02 20.62
CA GLU D 111 41.70 2.17 19.72
C GLU D 111 42.05 0.82 19.13
N GLY D 112 41.91 -0.22 19.94
CA GLY D 112 42.26 -1.56 19.50
C GLY D 112 41.25 -2.38 18.72
N VAL D 113 40.57 -1.78 17.76
CA VAL D 113 39.59 -2.53 16.96
C VAL D 113 40.36 -3.54 16.10
N THR D 114 39.96 -4.81 16.17
CA THR D 114 40.64 -5.85 15.42
C THR D 114 40.46 -5.69 13.91
N ASP D 115 41.41 -6.23 13.15
CA ASP D 115 41.32 -6.16 11.69
C ASP D 115 40.05 -6.88 11.25
N ASP D 116 39.75 -7.99 11.91
CA ASP D 116 38.57 -8.77 11.58
C ASP D 116 37.27 -7.97 11.74
N ASN D 117 37.09 -7.34 12.90
CA ASN D 117 35.89 -6.55 13.13
C ASN D 117 35.83 -5.30 12.27
N ALA D 118 36.99 -4.74 11.96
CA ALA D 118 37.01 -3.54 11.12
C ALA D 118 36.51 -3.90 9.72
N LYS D 119 36.88 -5.09 9.26
CA LYS D 119 36.46 -5.56 7.94
C LYS D 119 34.96 -5.81 7.89
N LYS D 120 34.40 -6.26 9.01
CA LYS D 120 32.97 -6.52 9.09
C LYS D 120 32.18 -5.21 9.07
N ALA D 121 32.87 -4.11 9.34
CA ALA D 121 32.24 -2.81 9.37
C ALA D 121 32.36 -1.98 8.09
N ILE D 122 33.54 -1.94 7.48
CA ILE D 122 33.71 -1.11 6.29
C ILE D 122 34.29 -1.73 5.02
N LEU D 123 34.49 -3.04 5.01
CA LEU D 123 35.02 -3.70 3.81
C LEU D 123 33.83 -4.38 3.14
N LYS D 124 33.23 -3.68 2.19
CA LYS D 124 32.03 -4.18 1.51
C LYS D 124 32.14 -5.53 0.80
N THR D 125 33.37 -6.01 0.59
CA THR D 125 33.59 -7.29 -0.07
C THR D 125 33.98 -8.41 0.90
N ASN D 126 33.98 -8.10 2.20
CA ASN D 126 34.35 -9.08 3.20
C ASN D 126 33.34 -10.23 3.25
N ASN D 127 33.80 -11.41 3.64
CA ASN D 127 32.92 -12.58 3.75
C ASN D 127 31.86 -12.30 4.82
N ASP D 128 32.28 -11.68 5.91
CA ASP D 128 31.40 -11.34 7.02
C ASP D 128 31.16 -9.83 7.00
N LYS D 129 29.91 -9.42 6.84
CA LYS D 129 29.56 -8.00 6.79
C LYS D 129 28.59 -7.60 7.90
N THR D 130 28.70 -8.28 9.04
CA THR D 130 27.79 -8.07 10.15
C THR D 130 27.98 -6.89 11.09
N LYS D 131 28.92 -6.00 10.81
CA LYS D 131 29.11 -4.85 11.68
C LYS D 131 29.03 -3.54 10.93
N GLY D 132 28.31 -3.56 9.81
CA GLY D 132 28.15 -2.36 9.02
C GLY D 132 28.48 -2.50 7.54
N ALA D 133 29.31 -3.47 7.18
CA ALA D 133 29.70 -3.66 5.79
C ALA D 133 28.52 -4.02 4.89
N ASP D 134 27.53 -4.67 5.46
CA ASP D 134 26.33 -5.06 4.71
C ASP D 134 25.55 -3.79 4.33
N GLU D 135 25.43 -2.86 5.27
CA GLU D 135 24.72 -1.61 5.00
C GLU D 135 25.51 -0.79 4.00
N LEU D 136 26.83 -0.80 4.17
CA LEU D 136 27.72 -0.07 3.27
C LEU D 136 27.53 -0.54 1.84
N GLU D 137 27.47 -1.86 1.66
CA GLU D 137 27.28 -2.47 0.34
C GLU D 137 25.96 -2.02 -0.28
N LYS D 138 24.89 -2.02 0.53
CA LYS D 138 23.58 -1.59 0.05
C LYS D 138 23.61 -0.12 -0.32
N LEU D 139 24.23 0.69 0.53
CA LEU D 139 24.34 2.13 0.29
C LEU D 139 25.10 2.38 -1.02
N PHE D 140 26.18 1.63 -1.21
CA PHE D 140 26.99 1.73 -2.42
C PHE D 140 26.12 1.51 -3.68
N GLU D 141 25.30 0.46 -3.65
CA GLU D 141 24.44 0.15 -4.79
C GLU D 141 23.33 1.19 -4.96
N SER D 142 22.78 1.68 -3.86
CA SER D 142 21.72 2.68 -3.95
C SER D 142 22.24 3.99 -4.53
N VAL D 143 23.47 4.35 -4.19
CA VAL D 143 24.06 5.57 -4.72
C VAL D 143 24.37 5.37 -6.20
N LYS D 144 24.73 4.16 -6.59
CA LYS D 144 25.00 3.89 -8.00
C LYS D 144 23.68 4.01 -8.76
N ASN D 145 22.59 3.57 -8.13
CA ASN D 145 21.27 3.67 -8.75
C ASN D 145 20.91 5.13 -8.96
N LEU D 146 21.13 5.94 -7.93
CA LEU D 146 20.84 7.37 -7.99
C LEU D 146 21.73 8.01 -9.06
N SER D 147 22.98 7.58 -9.13
CA SER D 147 23.92 8.10 -10.12
C SER D 147 23.44 7.80 -11.55
N LYS D 148 22.95 6.59 -11.77
CA LYS D 148 22.44 6.20 -13.09
C LYS D 148 21.23 7.03 -13.49
N ALA D 149 20.31 7.20 -12.55
CA ALA D 149 19.10 7.97 -12.80
C ALA D 149 19.41 9.43 -13.09
N ALA D 150 20.40 9.97 -12.41
CA ALA D 150 20.79 11.37 -12.60
C ALA D 150 21.43 11.56 -13.97
N LYS D 151 22.26 10.59 -14.36
CA LYS D 151 22.93 10.63 -15.65
C LYS D 151 21.89 10.56 -16.78
N GLU D 152 20.90 9.69 -16.62
CA GLU D 152 19.85 9.53 -17.60
C GLU D 152 19.08 10.84 -17.75
N MET D 153 18.71 11.42 -16.62
CA MET D 153 17.97 12.68 -16.60
C MET D 153 18.72 13.76 -17.37
N LEU D 154 20.04 13.74 -17.29
CA LEU D 154 20.87 14.72 -17.99
C LEU D 154 21.03 14.34 -19.46
N THR D 155 21.17 13.05 -19.74
CA THR D 155 21.33 12.57 -21.11
C THR D 155 20.09 12.82 -21.95
N ASN D 156 18.93 12.90 -21.31
CA ASN D 156 17.68 13.13 -22.04
C ASN D 156 17.53 14.58 -22.48
N SER D 157 18.26 15.48 -21.84
CA SER D 157 18.19 16.89 -22.19
C SER D 157 19.24 17.24 -23.24
N VAL D 158 20.38 16.56 -23.18
CA VAL D 158 21.46 16.79 -24.13
C VAL D 158 21.10 16.24 -25.50
N LYS D 159 20.24 15.23 -25.53
CA LYS D 159 19.81 14.62 -26.79
C LYS D 159 18.68 15.40 -27.44
N GLU D 160 18.14 16.40 -26.75
CA GLU D 160 17.07 17.21 -27.30
C GLU D 160 17.62 18.11 -28.38
N LEU D 161 18.93 18.36 -28.33
CA LEU D 161 19.61 19.21 -29.30
C LEU D 161 19.66 18.53 -30.65
N THR D 162 20.13 17.28 -30.67
CA THR D 162 20.25 16.52 -31.90
C THR D 162 18.98 15.71 -32.20
N SER D 163 17.84 16.24 -31.80
CA SER D 163 16.56 15.57 -32.02
C SER D 163 15.42 16.58 -32.05
N PRO D 164 14.36 16.30 -32.83
CA PRO D 164 14.14 15.14 -33.70
C PRO D 164 15.18 14.98 -34.81
ZN ZN E . -24.16 -12.96 28.06
ZN ZN F . -42.95 -22.35 27.41
ZN ZN G . -18.78 -21.64 22.88
ZN ZN H . 45.95 4.70 24.70
ZN ZN I . 25.62 -0.65 23.20
ZN ZN J . 49.59 -4.16 18.56
#